data_3K2H
#
_entry.id   3K2H
#
_cell.length_a   51.144
_cell.length_b   83.196
_cell.length_c   83.378
_cell.angle_alpha   119.690
_cell.angle_beta   90.850
_cell.angle_gamma   101.710
#
_symmetry.space_group_name_H-M   'P 1'
#
loop_
_entity.id
_entity.type
_entity.pdbx_description
1 polymer 'Dihydrofolate reductase/thymidylate synthase'
2 non-polymer "2'-DEOXYURIDINE 5'-MONOPHOSPHATE"
3 non-polymer '2-{4-[2-(2-AMINO-4-OXO-4,7-DIHYDRO-3H-PYRROLO[2,3-D]PYRIMIDIN-5-YL)-ETHYL]-BENZOYLAMINO}-PENTANEDIOIC ACID'
4 non-polymer 'NADP NICOTINAMIDE-ADENINE-DINUCLEOTIDE PHOSPHATE'
5 non-polymer 1,2-ETHANEDIOL
6 water water
#
_entity_poly.entity_id   1
_entity_poly.type   'polypeptide(L)'
_entity_poly.pdbx_seq_one_letter_code
;MSNSYEGCGDLTIFVAVALNKVIGHKNQIPWPHITHDFRFLRNGTTYIPPEVLSKNPDIQNVVIFGRKTYESIPKASLPL
KNRINVILSRTVKEVPGCLVYEDLSTAIRDLRANVPHNKIFILGGSFLYKEVLDNGLCDKIYLTRLNKEYPGDTYFPDIP
DTFEITAISPTFSTDFVSYDFVIYERKDCKTVFPDPPFDQLLMTGTDISVPKPKYVACPGVRIRNHEEFQYLDILADVLS
HGVLKPNRTGTDAYSKFGYQMRFDLSRSFPLLTTKKVALRSIIEELLWFIKGSTNGNDLLAKNVRIWELNGRRDFLDKNG
FTDREEHDLGPIYGFQWRHFGAEYLDMHADYTGKGIDQLAEIINRIKTNPNDRRLIVCSWNVSDLKKMALPPCHCFFQFY
VSDNKLSCMMHQRSCDLGLGVPFNIASYSILTAMVAQVCGLGLGEFVHNLADAHIYVDHVDAVTTQIARIPHPFPRLRLN
PDIRNIEDFTIDDIVVEDYVSHPPIPMAMSA
;
_entity_poly.pdbx_strand_id   A,B
#
loop_
_chem_comp.id
_chem_comp.type
_chem_comp.name
_chem_comp.formula
EDO non-polymer 1,2-ETHANEDIOL 'C2 H6 O2'
LYA non-polymer '2-{4-[2-(2-AMINO-4-OXO-4,7-DIHYDRO-3H-PYRROLO[2,3-D]PYRIMIDIN-5-YL)-ETHYL]-BENZOYLAMINO}-PENTANEDIOIC ACID' 'C20 H21 N5 O6'
NAP non-polymer 'NADP NICOTINAMIDE-ADENINE-DINUCLEOTIDE PHOSPHATE' 'C21 H28 N7 O17 P3'
UMP non-polymer '2'-DEOXYURIDINE 5'-MONOPHOSPHATE' 'C9 H13 N2 O8 P'
#
# COMPACT_ATOMS: atom_id res chain seq x y z
N SER A 4 -45.31 -17.68 -17.98
CA SER A 4 -45.74 -17.37 -16.59
C SER A 4 -45.01 -16.16 -16.10
N TYR A 5 -43.68 -16.17 -16.23
CA TYR A 5 -42.82 -15.09 -15.76
C TYR A 5 -42.02 -14.39 -16.88
N GLU A 6 -42.46 -14.54 -18.14
CA GLU A 6 -41.89 -13.75 -19.23
C GLU A 6 -41.85 -12.25 -18.86
N GLY A 7 -40.71 -11.60 -19.11
CA GLY A 7 -40.47 -10.18 -18.73
C GLY A 7 -40.41 -9.84 -17.24
N CYS A 8 -40.26 -10.85 -16.38
CA CYS A 8 -40.27 -10.66 -14.91
C CYS A 8 -38.92 -10.92 -14.22
N GLY A 9 -37.84 -10.93 -15.00
CA GLY A 9 -36.52 -11.29 -14.49
C GLY A 9 -35.76 -10.05 -14.07
N ASP A 10 -34.50 -10.24 -13.69
CA ASP A 10 -33.68 -9.12 -13.18
C ASP A 10 -34.41 -8.28 -12.11
N LEU A 11 -34.99 -8.98 -11.13
CA LEU A 11 -35.45 -8.33 -9.92
C LEU A 11 -34.29 -8.38 -8.91
N THR A 12 -34.03 -7.26 -8.25
CA THR A 12 -32.89 -7.13 -7.36
C THR A 12 -33.32 -7.14 -5.87
N ILE A 13 -32.77 -8.09 -5.12
CA ILE A 13 -33.11 -8.28 -3.71
C ILE A 13 -32.19 -7.45 -2.80
N PHE A 14 -32.79 -6.80 -1.80
CA PHE A 14 -32.07 -6.36 -0.59
C PHE A 14 -32.69 -7.11 0.55
N VAL A 15 -31.85 -7.70 1.41
CA VAL A 15 -32.31 -8.41 2.61
C VAL A 15 -31.20 -8.31 3.66
N ALA A 16 -31.57 -8.46 4.95
CA ALA A 16 -30.65 -8.56 6.07
C ALA A 16 -30.89 -9.90 6.73
N VAL A 17 -29.84 -10.70 6.90
CA VAL A 17 -29.97 -12.12 7.26
C VAL A 17 -29.13 -12.47 8.50
N ALA A 18 -29.78 -13.09 9.51
CA ALA A 18 -29.07 -13.58 10.68
C ALA A 18 -28.28 -14.86 10.34
N LEU A 19 -27.33 -15.22 11.19
CA LEU A 19 -26.52 -16.42 10.96
C LEU A 19 -27.36 -17.70 10.78
N ASN A 20 -28.50 -17.82 11.45
CA ASN A 20 -29.35 -19.01 11.28
C ASN A 20 -30.38 -18.79 10.16
N LYS A 21 -30.14 -17.79 9.31
CA LYS A 21 -30.98 -17.48 8.13
C LYS A 21 -32.30 -16.77 8.45
N VAL A 22 -32.50 -16.48 9.73
CA VAL A 22 -33.71 -15.83 10.18
C VAL A 22 -33.72 -14.39 9.69
N ILE A 23 -34.88 -13.93 9.23
CA ILE A 23 -35.04 -12.55 8.79
C ILE A 23 -36.20 -11.86 9.52
N GLY A 24 -37.07 -12.64 10.15
CA GLY A 24 -38.26 -12.08 10.75
C GLY A 24 -38.69 -12.82 12.00
N HIS A 25 -39.31 -12.10 12.91
CA HIS A 25 -39.78 -12.65 14.15
C HIS A 25 -41.01 -11.89 14.57
N LYS A 26 -42.11 -12.61 14.81
CA LYS A 26 -43.41 -11.99 15.15
C LYS A 26 -43.76 -10.78 14.26
N ASN A 27 -43.53 -10.92 12.95
CA ASN A 27 -43.73 -9.81 12.01
C ASN A 27 -42.91 -8.53 12.31
N GLN A 28 -41.73 -8.69 12.90
CA GLN A 28 -40.82 -7.58 13.17
C GLN A 28 -39.39 -8.02 12.86
N ILE A 29 -38.49 -7.04 12.83
CA ILE A 29 -37.08 -7.36 12.65
C ILE A 29 -36.60 -8.09 13.93
N PRO A 30 -35.90 -9.24 13.79
CA PRO A 30 -35.50 -10.05 14.95
C PRO A 30 -34.37 -9.47 15.81
N TRP A 31 -33.61 -8.53 15.27
CA TRP A 31 -32.50 -7.95 16.02
C TRP A 31 -32.81 -6.53 16.47
N PRO A 32 -32.06 -5.97 17.43
CA PRO A 32 -32.15 -4.52 17.63
C PRO A 32 -31.77 -3.80 16.34
N HIS A 33 -32.44 -2.69 16.06
CA HIS A 33 -32.21 -1.96 14.80
C HIS A 33 -30.78 -1.58 14.60
N ILE A 34 -30.30 -1.80 13.38
CA ILE A 34 -28.98 -1.36 12.93
C ILE A 34 -29.20 -0.22 11.95
N THR A 35 -29.12 1.01 12.44
CA THR A 35 -29.49 2.15 11.59
C THR A 35 -28.52 2.24 10.39
N HIS A 36 -27.29 1.76 10.57
CA HIS A 36 -26.34 1.66 9.47
C HIS A 36 -26.89 0.80 8.32
N ASP A 37 -27.48 -0.36 8.66
CA ASP A 37 -28.14 -1.21 7.67
C ASP A 37 -29.31 -0.48 6.98
N PHE A 38 -30.13 0.24 7.74
CA PHE A 38 -31.24 1.00 7.11
C PHE A 38 -30.74 2.02 6.09
N ARG A 39 -29.61 2.63 6.42
CA ARG A 39 -29.00 3.70 5.61
C ARG A 39 -28.44 3.07 4.32
N PHE A 40 -27.78 1.93 4.48
CA PHE A 40 -27.32 1.14 3.33
C PHE A 40 -28.47 0.77 2.38
N LEU A 41 -29.56 0.23 2.95
CA LEU A 41 -30.79 -0.10 2.21
C LEU A 41 -31.32 1.10 1.44
N ARG A 42 -31.46 2.23 2.15
CA ARG A 42 -32.02 3.45 1.58
C ARG A 42 -31.19 3.98 0.44
N ASN A 43 -29.86 3.95 0.60
CA ASN A 43 -28.92 4.37 -0.44
C ASN A 43 -28.95 3.43 -1.65
N GLY A 44 -29.01 2.11 -1.40
CA GLY A 44 -29.01 1.13 -2.47
C GLY A 44 -30.28 1.25 -3.31
N THR A 45 -31.41 1.54 -2.68
CA THR A 45 -32.72 1.50 -3.35
C THR A 45 -33.18 2.83 -3.95
N THR A 46 -32.53 3.92 -3.55
CA THR A 46 -32.83 5.24 -4.09
C THR A 46 -31.86 5.70 -5.19
N TYR A 47 -30.82 4.93 -5.50
CA TYR A 47 -29.85 5.41 -6.48
C TYR A 47 -30.42 5.37 -7.89
N ILE A 48 -30.22 6.48 -8.60
CA ILE A 48 -30.54 6.63 -10.01
C ILE A 48 -29.26 7.07 -10.70
N PRO A 49 -28.83 6.37 -11.77
CA PRO A 49 -27.62 6.80 -12.50
C PRO A 49 -27.78 8.21 -13.07
N PRO A 50 -26.73 9.06 -12.95
CA PRO A 50 -26.79 10.47 -13.34
C PRO A 50 -27.35 10.70 -14.76
N GLU A 51 -26.88 9.88 -15.72
CA GLU A 51 -27.39 9.90 -17.10
C GLU A 51 -28.90 9.72 -17.15
N VAL A 52 -29.41 8.72 -16.44
CA VAL A 52 -30.86 8.44 -16.41
C VAL A 52 -31.63 9.58 -15.74
N LEU A 53 -31.04 10.15 -14.68
CA LEU A 53 -31.70 11.19 -13.90
C LEU A 53 -31.90 12.49 -14.67
N SER A 54 -30.90 12.90 -15.46
CA SER A 54 -31.04 14.14 -16.22
C SER A 54 -32.17 14.06 -17.25
N LYS A 55 -32.28 12.93 -17.96
CA LYS A 55 -33.36 12.69 -18.92
C LYS A 55 -34.77 12.69 -18.29
N ASN A 56 -34.91 12.07 -17.11
CA ASN A 56 -36.15 12.17 -16.32
CA ASN A 56 -36.14 12.11 -16.32
C ASN A 56 -35.83 12.49 -14.86
N PRO A 57 -35.82 13.79 -14.51
CA PRO A 57 -35.39 14.15 -13.14
C PRO A 57 -36.37 13.78 -12.02
N ASP A 58 -37.52 13.22 -12.36
CA ASP A 58 -38.48 12.74 -11.34
C ASP A 58 -38.54 11.20 -11.29
N ILE A 59 -37.71 10.54 -12.08
CA ILE A 59 -37.73 9.08 -12.13
C ILE A 59 -37.39 8.50 -10.75
N GLN A 60 -38.08 7.42 -10.39
CA GLN A 60 -37.78 6.73 -9.15
C GLN A 60 -37.67 5.22 -9.40
N ASN A 61 -37.06 4.53 -8.45
CA ASN A 61 -37.08 3.08 -8.40
C ASN A 61 -38.32 2.60 -7.72
N VAL A 62 -38.56 1.31 -7.89
CA VAL A 62 -39.66 0.58 -7.26
C VAL A 62 -39.11 -0.29 -6.12
N VAL A 63 -39.87 -0.36 -5.02
CA VAL A 63 -39.62 -1.37 -3.98
C VAL A 63 -40.86 -2.22 -3.83
N ILE A 64 -40.67 -3.54 -3.81
CA ILE A 64 -41.82 -4.45 -3.74
C ILE A 64 -41.78 -5.20 -2.42
N PHE A 65 -42.92 -5.21 -1.72
CA PHE A 65 -43.06 -6.00 -0.49
C PHE A 65 -44.31 -6.86 -0.50
N GLY A 66 -44.24 -7.94 0.28
CA GLY A 66 -45.46 -8.59 0.82
C GLY A 66 -46.22 -7.67 1.80
N ARG A 67 -47.51 -7.94 1.95
CA ARG A 67 -48.36 -7.22 2.90
C ARG A 67 -47.68 -7.20 4.28
N LYS A 68 -47.27 -8.37 4.76
CA LYS A 68 -46.76 -8.47 6.13
C LYS A 68 -45.51 -7.65 6.33
N THR A 69 -44.57 -7.67 5.37
CA THR A 69 -43.34 -6.86 5.50
C THR A 69 -43.64 -5.36 5.51
N TYR A 70 -44.61 -4.90 4.72
CA TYR A 70 -45.04 -3.49 4.80
C TYR A 70 -45.56 -3.17 6.20
N GLU A 71 -46.56 -3.95 6.67
CA GLU A 71 -47.10 -3.82 8.04
C GLU A 71 -45.98 -3.84 9.11
N SER A 72 -44.82 -4.39 8.75
CA SER A 72 -43.64 -4.53 9.62
C SER A 72 -42.81 -3.24 9.83
N ILE A 73 -43.04 -2.24 8.99
CA ILE A 73 -42.31 -0.97 9.10
C ILE A 73 -43.27 0.02 9.74
N PRO A 74 -42.75 0.94 10.60
CA PRO A 74 -43.58 2.04 11.20
C PRO A 74 -44.45 2.75 10.15
N LYS A 75 -45.72 3.02 10.50
CA LYS A 75 -46.63 3.78 9.62
C LYS A 75 -46.10 5.18 9.27
N ALA A 76 -45.13 5.66 10.07
CA ALA A 76 -44.56 7.01 9.93
C ALA A 76 -43.49 7.07 8.86
N SER A 77 -42.68 6.01 8.78
CA SER A 77 -41.58 5.89 7.81
C SER A 77 -42.08 5.45 6.42
N LEU A 78 -43.40 5.34 6.29
CA LEU A 78 -44.05 4.72 5.12
C LEU A 78 -45.11 5.65 4.53
N PRO A 79 -45.31 5.60 3.20
CA PRO A 79 -44.56 4.81 2.19
C PRO A 79 -43.08 5.22 2.16
N LEU A 80 -42.19 4.25 1.87
CA LEU A 80 -40.76 4.55 1.72
C LEU A 80 -40.50 5.70 0.76
N LYS A 81 -39.77 6.70 1.25
CA LYS A 81 -39.59 7.96 0.54
C LYS A 81 -38.81 7.85 -0.77
N ASN A 82 -39.27 8.58 -1.79
CA ASN A 82 -38.55 8.71 -3.08
C ASN A 82 -38.53 7.46 -3.96
N ARG A 83 -39.34 6.48 -3.60
CA ARG A 83 -39.48 5.28 -4.40
C ARG A 83 -40.96 5.02 -4.59
N ILE A 84 -41.29 4.21 -5.59
CA ILE A 84 -42.66 3.77 -5.81
C ILE A 84 -42.82 2.51 -4.95
N ASN A 85 -43.74 2.56 -3.99
CA ASN A 85 -43.96 1.44 -3.09
C ASN A 85 -45.00 0.49 -3.66
N VAL A 86 -44.64 -0.77 -3.74
CA VAL A 86 -45.56 -1.76 -4.28
C VAL A 86 -45.76 -2.90 -3.28
N ILE A 87 -47.02 -3.22 -3.04
CA ILE A 87 -47.40 -4.26 -2.11
C ILE A 87 -48.10 -5.37 -2.89
N LEU A 88 -47.76 -6.61 -2.57
CA LEU A 88 -48.42 -7.78 -3.12
C LEU A 88 -49.34 -8.35 -2.06
N SER A 89 -50.57 -8.70 -2.46
CA SER A 89 -51.59 -9.14 -1.50
C SER A 89 -52.84 -9.64 -2.20
N ARG A 90 -53.45 -10.65 -1.62
CA ARG A 90 -54.70 -11.19 -2.11
C ARG A 90 -55.86 -10.84 -1.18
N THR A 91 -55.55 -10.17 -0.08
CA THR A 91 -56.56 -9.85 0.94
C THR A 91 -56.74 -8.35 1.14
N VAL A 92 -55.89 -7.55 0.52
CA VAL A 92 -56.05 -6.10 0.57
C VAL A 92 -55.92 -5.51 -0.85
N LYS A 93 -56.82 -4.58 -1.19
CA LYS A 93 -56.91 -4.03 -2.55
C LYS A 93 -56.28 -2.63 -2.68
N GLU A 94 -56.40 -1.82 -1.63
CA GLU A 94 -55.94 -0.43 -1.64
C GLU A 94 -55.14 -0.09 -0.39
N VAL A 95 -54.00 0.56 -0.57
CA VAL A 95 -53.15 1.04 0.52
C VAL A 95 -52.71 2.45 0.15
N PRO A 96 -52.93 3.43 1.07
CA PRO A 96 -52.58 4.85 0.87
C PRO A 96 -51.17 5.07 0.32
N GLY A 97 -51.10 5.48 -0.95
CA GLY A 97 -49.83 5.89 -1.56
C GLY A 97 -48.91 4.74 -1.99
N CYS A 98 -49.48 3.55 -2.11
CA CYS A 98 -48.80 2.40 -2.66
C CYS A 98 -49.57 1.90 -3.86
N LEU A 99 -48.90 1.13 -4.71
CA LEU A 99 -49.60 0.33 -5.71
C LEU A 99 -49.85 -1.02 -5.10
N VAL A 100 -50.91 -1.70 -5.54
CA VAL A 100 -51.22 -3.00 -4.99
C VAL A 100 -51.46 -4.00 -6.10
N TYR A 101 -50.76 -5.13 -6.07
CA TYR A 101 -51.09 -6.21 -6.99
C TYR A 101 -51.39 -7.54 -6.29
N GLU A 102 -52.12 -8.38 -7.01
CA GLU A 102 -52.51 -9.68 -6.50
C GLU A 102 -51.43 -10.73 -6.67
N ASP A 103 -50.56 -10.56 -7.66
CA ASP A 103 -49.38 -11.41 -7.76
C ASP A 103 -48.23 -10.76 -8.50
N LEU A 104 -47.06 -11.33 -8.29
CA LEU A 104 -45.81 -10.79 -8.76
C LEU A 104 -45.76 -10.62 -10.27
N SER A 105 -46.18 -11.63 -11.01
CA SER A 105 -46.09 -11.60 -12.47
C SER A 105 -46.86 -10.41 -13.04
N THR A 106 -48.10 -10.26 -12.60
CA THR A 106 -48.91 -9.10 -12.96
C THR A 106 -48.16 -7.82 -12.61
N ALA A 107 -47.70 -7.72 -11.35
CA ALA A 107 -47.04 -6.52 -10.87
C ALA A 107 -45.87 -6.09 -11.75
N ILE A 108 -44.93 -7.00 -12.00
CA ILE A 108 -43.74 -6.66 -12.79
C ILE A 108 -44.15 -6.24 -14.21
N ARG A 109 -44.97 -7.05 -14.87
CA ARG A 109 -45.51 -6.69 -16.19
C ARG A 109 -46.18 -5.32 -16.23
N ASP A 110 -47.07 -5.04 -15.27
CA ASP A 110 -47.76 -3.75 -15.27
C ASP A 110 -46.78 -2.58 -15.14
N LEU A 111 -45.83 -2.75 -14.23
CA LEU A 111 -44.82 -1.75 -13.94
C LEU A 111 -43.89 -1.46 -15.14
N ARG A 112 -43.32 -2.50 -15.73
CA ARG A 112 -42.38 -2.34 -16.87
C ARG A 112 -43.06 -1.90 -18.19
N ALA A 113 -44.35 -2.20 -18.35
CA ALA A 113 -45.11 -1.69 -19.49
C ALA A 113 -45.71 -0.28 -19.24
N ASN A 114 -46.13 0.02 -18.01
CA ASN A 114 -47.06 1.15 -17.77
C ASN A 114 -46.68 2.18 -16.71
N VAL A 115 -45.73 1.85 -15.85
CA VAL A 115 -45.30 2.77 -14.80
C VAL A 115 -43.83 3.17 -15.00
N PRO A 116 -43.59 4.39 -15.54
CA PRO A 116 -42.20 4.82 -15.68
C PRO A 116 -41.44 4.80 -14.34
N HIS A 117 -40.24 4.24 -14.38
CA HIS A 117 -39.42 3.99 -13.20
C HIS A 117 -37.99 3.55 -13.61
N ASN A 118 -37.05 3.55 -12.68
CA ASN A 118 -35.68 3.14 -13.03
C ASN A 118 -35.45 1.64 -12.82
N LYS A 119 -35.32 1.23 -11.56
CA LYS A 119 -35.00 -0.16 -11.24
C LYS A 119 -36.00 -0.72 -10.23
N ILE A 120 -36.26 -2.02 -10.31
CA ILE A 120 -37.15 -2.70 -9.35
C ILE A 120 -36.36 -3.41 -8.25
N PHE A 121 -36.72 -3.12 -6.98
CA PHE A 121 -36.14 -3.80 -5.83
C PHE A 121 -37.16 -4.65 -5.12
N ILE A 122 -36.66 -5.77 -4.61
CA ILE A 122 -37.45 -6.73 -3.87
C ILE A 122 -37.06 -6.68 -2.39
N LEU A 123 -38.00 -6.27 -1.55
CA LEU A 123 -37.67 -6.16 -0.11
C LEU A 123 -38.43 -7.16 0.80
N GLY A 124 -38.89 -8.28 0.21
CA GLY A 124 -39.40 -9.42 1.00
C GLY A 124 -40.86 -9.28 1.31
N GLY A 125 -41.42 -10.15 2.17
CA GLY A 125 -40.65 -11.14 2.95
C GLY A 125 -40.36 -12.45 2.24
N SER A 126 -40.41 -13.54 3.01
CA SER A 126 -40.02 -14.86 2.51
C SER A 126 -40.79 -15.41 1.33
N PHE A 127 -42.13 -15.27 1.36
CA PHE A 127 -43.04 -15.69 0.27
C PHE A 127 -42.51 -15.11 -1.03
N LEU A 128 -42.20 -13.83 -0.99
CA LEU A 128 -41.76 -13.10 -2.16
C LEU A 128 -40.31 -13.46 -2.54
N TYR A 129 -39.40 -13.52 -1.57
CA TYR A 129 -38.03 -13.91 -1.88
C TYR A 129 -37.99 -15.31 -2.47
N LYS A 130 -38.77 -16.22 -1.87
CA LYS A 130 -38.84 -17.61 -2.33
C LYS A 130 -39.35 -17.69 -3.76
N GLU A 131 -40.46 -17.01 -4.05
CA GLU A 131 -41.01 -17.04 -5.40
C GLU A 131 -39.97 -16.51 -6.39
N VAL A 132 -39.29 -15.44 -6.00
CA VAL A 132 -38.31 -14.76 -6.87
C VAL A 132 -37.10 -15.65 -7.17
N LEU A 133 -36.61 -16.35 -6.14
CA LEU A 133 -35.45 -17.22 -6.28
C LEU A 133 -35.83 -18.55 -6.94
N ASP A 134 -36.91 -19.20 -6.48
CA ASP A 134 -37.35 -20.46 -7.06
C ASP A 134 -37.57 -20.34 -8.56
N ASN A 135 -37.98 -19.16 -9.02
CA ASN A 135 -38.23 -18.96 -10.44
C ASN A 135 -37.13 -18.25 -11.23
N GLY A 136 -35.94 -18.14 -10.65
CA GLY A 136 -34.79 -17.50 -11.34
C GLY A 136 -34.96 -16.05 -11.74
N LEU A 137 -35.81 -15.30 -11.03
CA LEU A 137 -36.12 -13.91 -11.41
C LEU A 137 -35.11 -12.88 -10.91
N CYS A 138 -34.15 -13.33 -10.11
CA CYS A 138 -33.18 -12.43 -9.49
C CYS A 138 -31.79 -12.57 -10.07
N ASP A 139 -31.17 -11.46 -10.43
CA ASP A 139 -29.82 -11.50 -10.96
C ASP A 139 -28.78 -10.95 -10.01
N LYS A 140 -29.26 -10.29 -8.96
CA LYS A 140 -28.36 -9.59 -8.04
C LYS A 140 -28.97 -9.55 -6.63
N ILE A 141 -28.14 -9.76 -5.61
CA ILE A 141 -28.60 -9.66 -4.22
C ILE A 141 -27.67 -8.79 -3.37
N TYR A 142 -28.27 -7.79 -2.72
CA TYR A 142 -27.59 -7.00 -1.71
C TYR A 142 -27.97 -7.61 -0.34
N LEU A 143 -26.99 -8.20 0.34
CA LEU A 143 -27.25 -8.99 1.52
C LEU A 143 -26.36 -8.56 2.68
N THR A 144 -27.02 -8.13 3.75
CA THR A 144 -26.38 -7.75 4.98
C THR A 144 -26.22 -9.00 5.82
N ARG A 145 -24.97 -9.39 6.06
CA ARG A 145 -24.72 -10.60 6.83
C ARG A 145 -24.60 -10.27 8.33
N LEU A 146 -25.42 -10.87 9.18
CA LEU A 146 -25.21 -10.77 10.63
C LEU A 146 -24.59 -12.03 11.22
N ASN A 147 -23.53 -11.88 12.02
CA ASN A 147 -22.76 -13.02 12.56
C ASN A 147 -23.35 -13.64 13.81
N LYS A 148 -24.62 -13.39 14.04
CA LYS A 148 -25.29 -13.90 15.21
C LYS A 148 -26.61 -14.57 14.79
N GLU A 149 -26.98 -15.62 15.51
CA GLU A 149 -28.28 -16.27 15.37
C GLU A 149 -29.31 -15.47 16.15
N TYR A 150 -30.49 -15.27 15.57
CA TYR A 150 -31.59 -14.60 16.27
C TYR A 150 -32.84 -15.49 16.27
N PRO A 151 -33.65 -15.45 17.36
CA PRO A 151 -34.91 -16.17 17.33
C PRO A 151 -35.78 -15.61 16.21
N GLY A 152 -36.55 -16.47 15.55
CA GLY A 152 -37.43 -15.97 14.49
C GLY A 152 -38.23 -17.10 13.88
N ASP A 153 -39.15 -16.72 12.99
CA ASP A 153 -40.14 -17.61 12.42
C ASP A 153 -40.24 -17.46 10.90
N THR A 154 -39.45 -16.53 10.35
CA THR A 154 -39.37 -16.21 8.93
C THR A 154 -37.88 -16.29 8.51
N TYR A 155 -37.60 -16.99 7.42
CA TYR A 155 -36.21 -17.28 6.97
C TYR A 155 -35.95 -16.88 5.53
N PHE A 156 -34.71 -16.46 5.21
CA PHE A 156 -34.31 -16.25 3.82
C PHE A 156 -33.98 -17.60 3.18
N PRO A 157 -34.53 -17.87 1.99
CA PRO A 157 -34.21 -19.15 1.32
C PRO A 157 -32.72 -19.29 1.06
N ASP A 158 -32.26 -20.51 0.84
CA ASP A 158 -30.86 -20.71 0.48
C ASP A 158 -30.64 -20.06 -0.87
N ILE A 159 -29.47 -19.48 -1.05
CA ILE A 159 -29.14 -18.87 -2.31
C ILE A 159 -28.60 -19.95 -3.24
N PRO A 160 -29.21 -20.08 -4.44
CA PRO A 160 -28.80 -21.13 -5.39
C PRO A 160 -27.36 -20.97 -5.80
N ASP A 161 -26.73 -22.10 -6.17
CA ASP A 161 -25.33 -22.16 -6.53
CA ASP A 161 -25.33 -22.12 -6.52
C ASP A 161 -25.06 -21.55 -7.91
N THR A 162 -26.10 -20.98 -8.53
CA THR A 162 -25.96 -20.20 -9.74
C THR A 162 -25.44 -18.77 -9.39
N PHE A 163 -25.53 -18.41 -8.10
CA PHE A 163 -24.99 -17.13 -7.61
C PHE A 163 -23.59 -17.20 -6.99
N GLU A 164 -22.85 -16.10 -7.02
CA GLU A 164 -21.61 -16.01 -6.26
C GLU A 164 -21.43 -14.63 -5.64
N ILE A 165 -20.62 -14.55 -4.57
CA ILE A 165 -20.39 -13.27 -3.92
C ILE A 165 -19.38 -12.51 -4.77
N THR A 166 -19.74 -11.29 -5.16
CA THR A 166 -18.86 -10.50 -6.04
C THR A 166 -18.40 -9.21 -5.34
N ALA A 167 -18.93 -8.94 -4.15
CA ALA A 167 -18.54 -7.72 -3.43
C ALA A 167 -18.65 -7.96 -1.95
N ILE A 168 -17.71 -7.42 -1.18
CA ILE A 168 -17.80 -7.55 0.27
C ILE A 168 -17.32 -6.27 0.88
N SER A 169 -18.15 -5.71 1.75
CA SER A 169 -17.85 -4.46 2.40
C SER A 169 -16.83 -4.71 3.51
N PRO A 170 -16.34 -3.63 4.15
CA PRO A 170 -15.64 -3.91 5.38
C PRO A 170 -16.59 -4.41 6.48
N THR A 171 -16.00 -5.10 7.46
CA THR A 171 -16.78 -5.55 8.62
C THR A 171 -17.10 -4.38 9.54
N PHE A 172 -18.35 -4.33 9.98
CA PHE A 172 -18.80 -3.31 10.91
C PHE A 172 -19.31 -3.98 12.19
N SER A 173 -19.57 -3.19 13.23
CA SER A 173 -20.20 -3.72 14.43
C SER A 173 -20.98 -2.70 15.23
N THR A 174 -22.03 -3.20 15.84
CA THR A 174 -22.63 -2.51 16.97
C THR A 174 -22.09 -3.19 18.22
N ASP A 175 -22.58 -2.70 19.33
CA ASP A 175 -22.37 -3.31 20.62
C ASP A 175 -23.09 -4.65 20.81
N PHE A 176 -23.92 -5.08 19.83
CA PHE A 176 -24.63 -6.33 19.95
C PHE A 176 -24.41 -7.35 18.80
N VAL A 177 -23.77 -6.95 17.71
CA VAL A 177 -23.56 -7.87 16.59
C VAL A 177 -22.47 -7.36 15.65
N SER A 178 -21.76 -8.32 15.05
CA SER A 178 -20.81 -8.06 13.98
CA SER A 178 -20.81 -8.09 13.96
C SER A 178 -21.54 -8.31 12.64
N TYR A 179 -21.21 -7.52 11.60
CA TYR A 179 -21.92 -7.61 10.31
C TYR A 179 -21.16 -6.98 9.17
N ASP A 180 -21.50 -7.40 7.94
CA ASP A 180 -21.02 -6.67 6.76
C ASP A 180 -22.11 -6.62 5.69
N PHE A 181 -21.79 -6.05 4.52
CA PHE A 181 -22.64 -6.09 3.32
C PHE A 181 -21.96 -6.86 2.18
N VAL A 182 -22.74 -7.67 1.46
CA VAL A 182 -22.20 -8.38 0.33
C VAL A 182 -23.14 -8.23 -0.83
N ILE A 183 -22.60 -8.45 -2.02
CA ILE A 183 -23.40 -8.55 -3.24
C ILE A 183 -23.22 -9.96 -3.78
N TYR A 184 -24.33 -10.67 -4.04
CA TYR A 184 -24.28 -11.87 -4.91
C TYR A 184 -24.74 -11.49 -6.31
N GLU A 185 -24.08 -12.07 -7.32
CA GLU A 185 -24.58 -11.99 -8.70
C GLU A 185 -24.70 -13.35 -9.36
N ARG A 186 -25.65 -13.43 -10.28
CA ARG A 186 -25.83 -14.62 -11.10
CA ARG A 186 -25.83 -14.62 -11.08
C ARG A 186 -24.57 -14.74 -11.94
N LYS A 187 -23.88 -15.89 -11.82
CA LYS A 187 -22.62 -16.18 -12.52
C LYS A 187 -22.70 -16.03 -14.03
N ASP A 188 -23.74 -16.60 -14.64
CA ASP A 188 -23.82 -16.68 -16.09
C ASP A 188 -24.07 -15.31 -16.76
N CYS A 189 -24.35 -14.28 -15.95
CA CYS A 189 -24.59 -12.92 -16.47
C CYS A 189 -23.88 -11.78 -15.72
N LYS A 190 -22.95 -12.11 -14.81
CA LYS A 190 -22.23 -11.12 -13.98
C LYS A 190 -21.37 -10.14 -14.79
N PRO A 196 -8.78 -2.07 -19.18
CA PRO A 196 -7.82 -1.02 -18.82
C PRO A 196 -7.23 -0.38 -20.08
N PRO A 197 -7.26 0.96 -20.17
CA PRO A 197 -6.71 1.61 -21.41
C PRO A 197 -5.24 1.21 -21.68
N PHE A 198 -4.87 1.18 -22.95
CA PHE A 198 -3.52 0.79 -23.33
C PHE A 198 -2.44 1.65 -22.66
N ASP A 199 -2.69 2.95 -22.50
CA ASP A 199 -1.77 3.87 -21.81
C ASP A 199 -1.38 3.34 -20.44
N GLN A 200 -2.34 2.77 -19.73
CA GLN A 200 -2.02 2.16 -18.44
C GLN A 200 -0.99 1.03 -18.56
N LEU A 201 -1.04 0.27 -19.65
CA LEU A 201 -0.08 -0.83 -19.84
C LEU A 201 1.27 -0.33 -20.33
N LEU A 202 1.25 0.57 -21.31
CA LEU A 202 2.47 1.12 -21.91
C LEU A 202 3.28 1.95 -20.89
N MET A 203 2.56 2.71 -20.07
CA MET A 203 3.20 3.67 -19.17
C MET A 203 3.83 3.08 -17.92
N THR A 204 3.79 1.76 -17.79
CA THR A 204 4.57 1.09 -16.78
C THR A 204 6.01 1.05 -17.21
N GLY A 205 6.24 1.08 -18.51
CA GLY A 205 7.58 0.92 -19.05
C GLY A 205 8.08 -0.52 -19.08
N THR A 206 7.21 -1.48 -18.74
CA THR A 206 7.55 -2.91 -18.75
C THR A 206 6.67 -3.71 -19.73
N ASP A 207 6.98 -5.00 -19.86
CA ASP A 207 6.30 -5.93 -20.75
C ASP A 207 4.80 -5.68 -20.83
N ILE A 208 4.30 -5.37 -22.04
CA ILE A 208 2.89 -4.94 -22.18
C ILE A 208 1.85 -6.07 -22.02
N SER A 209 2.23 -7.30 -22.35
CA SER A 209 1.37 -8.46 -22.08
C SER A 209 1.83 -9.15 -20.80
N VAL A 210 1.07 -8.90 -19.73
CA VAL A 210 1.43 -9.38 -18.40
C VAL A 210 0.80 -10.74 -18.06
N PRO A 211 1.63 -11.82 -17.95
CA PRO A 211 1.09 -13.13 -17.54
C PRO A 211 0.38 -12.99 -16.17
N LYS A 212 -0.93 -13.20 -16.15
CA LYS A 212 -1.70 -13.00 -14.93
C LYS A 212 -1.09 -13.81 -13.77
N PRO A 213 -1.17 -13.30 -12.52
CA PRO A 213 -0.56 -14.11 -11.44
C PRO A 213 -1.11 -15.54 -11.39
N LYS A 214 -0.27 -16.47 -11.00
CA LYS A 214 -0.68 -17.87 -10.89
C LYS A 214 -1.73 -18.08 -9.78
N TYR A 215 -1.65 -17.31 -8.68
CA TYR A 215 -2.61 -17.47 -7.60
C TYR A 215 -3.34 -16.17 -7.34
N VAL A 216 -4.65 -16.25 -7.24
CA VAL A 216 -5.47 -15.09 -6.88
C VAL A 216 -6.46 -15.56 -5.82
N ALA A 217 -6.49 -14.85 -4.69
CA ALA A 217 -7.50 -15.12 -3.66
C ALA A 217 -8.90 -14.75 -4.15
N CYS A 218 -9.88 -15.65 -3.95
CA CYS A 218 -11.29 -15.35 -4.23
C CYS A 218 -11.48 -14.59 -5.57
N PRO A 219 -11.09 -15.23 -6.71
CA PRO A 219 -11.09 -14.52 -8.01
C PRO A 219 -12.45 -13.91 -8.32
N GLY A 220 -13.52 -14.51 -7.78
CA GLY A 220 -14.87 -14.07 -8.04
C GLY A 220 -15.25 -12.75 -7.39
N VAL A 221 -14.48 -12.33 -6.39
CA VAL A 221 -14.83 -11.14 -5.63
C VAL A 221 -14.13 -9.94 -6.25
N ARG A 222 -14.94 -9.07 -6.86
CA ARG A 222 -14.41 -7.87 -7.50
C ARG A 222 -14.30 -6.64 -6.56
N ILE A 223 -15.20 -6.49 -5.61
CA ILE A 223 -15.05 -5.40 -4.64
C ILE A 223 -14.64 -6.02 -3.30
N ARG A 224 -13.39 -5.73 -2.91
CA ARG A 224 -12.66 -6.50 -1.91
C ARG A 224 -12.33 -5.66 -0.67
N ASN A 225 -13.37 -5.21 0.02
CA ASN A 225 -13.22 -4.23 1.08
C ASN A 225 -13.07 -4.86 2.48
N HIS A 226 -13.26 -6.16 2.57
CA HIS A 226 -13.03 -6.91 3.81
C HIS A 226 -11.54 -6.86 4.08
N GLU A 227 -11.14 -6.44 5.28
CA GLU A 227 -9.73 -6.35 5.64
C GLU A 227 -9.01 -7.70 5.52
N GLU A 228 -9.72 -8.82 5.62
CA GLU A 228 -9.06 -10.15 5.45
C GLU A 228 -8.41 -10.27 4.07
N PHE A 229 -8.93 -9.55 3.10
CA PHE A 229 -8.32 -9.57 1.79
C PHE A 229 -6.85 -9.15 1.78
N GLN A 230 -6.41 -8.33 2.73
CA GLN A 230 -5.01 -7.92 2.71
C GLN A 230 -4.16 -9.18 2.91
N TYR A 231 -4.61 -10.05 3.81
CA TYR A 231 -3.86 -11.19 4.21
C TYR A 231 -3.93 -12.23 3.10
N LEU A 232 -5.12 -12.39 2.53
CA LEU A 232 -5.29 -13.36 1.44
C LEU A 232 -4.53 -12.91 0.20
N ASP A 233 -4.50 -11.60 -0.08
CA ASP A 233 -3.78 -11.08 -1.24
C ASP A 233 -2.30 -11.33 -1.10
N ILE A 234 -1.79 -11.14 0.11
CA ILE A 234 -0.39 -11.40 0.40
C ILE A 234 -0.03 -12.90 0.25
N LEU A 235 -0.83 -13.80 0.82
CA LEU A 235 -0.67 -15.22 0.48
C LEU A 235 -0.59 -15.44 -1.05
N ALA A 236 -1.58 -14.94 -1.79
CA ALA A 236 -1.63 -15.11 -3.24
C ALA A 236 -0.39 -14.52 -3.94
N ASP A 237 0.06 -13.37 -3.42
CA ASP A 237 1.22 -12.69 -3.99
C ASP A 237 2.54 -13.46 -3.79
N VAL A 238 2.71 -14.07 -2.62
CA VAL A 238 3.94 -14.81 -2.28
C VAL A 238 3.93 -16.13 -3.05
N LEU A 239 2.75 -16.76 -3.16
CA LEU A 239 2.65 -17.96 -3.97
C LEU A 239 3.00 -17.64 -5.40
N SER A 240 2.51 -16.50 -5.89
CA SER A 240 2.70 -16.10 -7.29
C SER A 240 4.11 -15.66 -7.66
N HIS A 241 4.75 -14.88 -6.78
CA HIS A 241 5.95 -14.13 -7.16
C HIS A 241 7.11 -14.32 -6.19
N GLY A 242 6.83 -14.99 -5.07
CA GLY A 242 7.84 -15.22 -4.06
C GLY A 242 8.95 -16.12 -4.59
N VAL A 243 10.11 -15.98 -3.99
CA VAL A 243 11.25 -16.82 -4.34
C VAL A 243 11.38 -17.97 -3.35
N LEU A 244 11.56 -19.18 -3.88
CA LEU A 244 11.82 -20.35 -3.07
C LEU A 244 13.24 -20.26 -2.52
N LYS A 245 13.36 -20.14 -1.20
CA LYS A 245 14.66 -20.02 -0.57
C LYS A 245 14.72 -20.97 0.59
N PRO A 246 15.94 -21.49 0.90
CA PRO A 246 16.18 -22.22 2.14
C PRO A 246 16.20 -21.27 3.32
N ASN A 247 16.11 -21.80 4.53
CA ASN A 247 16.13 -20.96 5.70
C ASN A 247 16.61 -21.79 6.85
N ARG A 248 16.62 -21.18 8.02
CA ARG A 248 17.16 -21.79 9.24
C ARG A 248 16.56 -23.16 9.57
N THR A 249 15.27 -23.35 9.29
CA THR A 249 14.53 -24.55 9.70
C THR A 249 14.79 -25.81 8.87
N GLY A 250 15.34 -25.66 7.66
CA GLY A 250 15.47 -26.80 6.75
C GLY A 250 14.21 -27.21 5.99
N THR A 251 13.07 -26.56 6.24
CA THR A 251 11.97 -26.58 5.30
C THR A 251 12.01 -25.26 4.51
N ASP A 252 12.18 -25.36 3.18
CA ASP A 252 12.17 -24.21 2.32
C ASP A 252 10.86 -23.43 2.40
N ALA A 253 10.92 -22.18 1.95
CA ALA A 253 9.76 -21.29 1.91
C ALA A 253 9.83 -20.31 0.74
N TYR A 254 8.69 -20.12 0.07
CA TYR A 254 8.50 -19.02 -0.88
C TYR A 254 8.47 -17.72 -0.07
N SER A 255 9.25 -16.74 -0.50
CA SER A 255 9.50 -15.54 0.27
C SER A 255 9.46 -14.31 -0.59
N LYS A 256 8.81 -13.28 -0.07
CA LYS A 256 8.79 -11.96 -0.70
C LYS A 256 8.90 -10.90 0.40
N PHE A 257 9.46 -9.75 0.08
CA PHE A 257 9.87 -8.78 1.12
C PHE A 257 9.00 -7.54 1.12
N GLY A 258 8.47 -7.15 2.28
CA GLY A 258 7.87 -5.81 2.45
C GLY A 258 6.38 -5.72 2.13
N TYR A 259 5.53 -5.77 3.16
CA TYR A 259 4.09 -5.47 3.01
C TYR A 259 3.65 -4.62 4.21
N GLN A 260 2.48 -3.99 4.09
CA GLN A 260 1.86 -3.26 5.18
C GLN A 260 0.37 -3.53 5.16
N MET A 261 -0.15 -4.04 6.28
CA MET A 261 -1.58 -4.26 6.46
C MET A 261 -2.09 -3.35 7.58
N ARG A 262 -3.36 -2.97 7.48
CA ARG A 262 -3.99 -2.25 8.58
C ARG A 262 -5.40 -2.70 8.88
N PHE A 263 -5.73 -2.60 10.16
CA PHE A 263 -6.98 -3.10 10.68
C PHE A 263 -7.56 -2.02 11.58
N ASP A 264 -8.81 -1.65 11.28
CA ASP A 264 -9.55 -0.63 12.02
C ASP A 264 -10.17 -1.32 13.24
N LEU A 265 -9.58 -1.12 14.41
CA LEU A 265 -10.05 -1.88 15.58
C LEU A 265 -11.33 -1.32 16.20
N SER A 266 -11.75 -0.14 15.78
CA SER A 266 -13.02 0.41 16.26
C SER A 266 -14.20 -0.31 15.60
N ARG A 267 -13.95 -0.95 14.45
CA ARG A 267 -14.99 -1.63 13.67
C ARG A 267 -15.13 -3.11 13.96
N SER A 268 -14.01 -3.84 14.04
CA SER A 268 -14.09 -5.27 14.26
C SER A 268 -12.79 -5.80 14.80
N PHE A 269 -12.81 -7.08 15.11
CA PHE A 269 -11.62 -7.75 15.56
C PHE A 269 -11.09 -8.73 14.50
N PRO A 270 -9.88 -8.48 14.00
CA PRO A 270 -9.36 -9.16 12.79
C PRO A 270 -8.80 -10.57 13.09
N LEU A 271 -9.70 -11.44 13.51
CA LEU A 271 -9.37 -12.85 13.71
C LEU A 271 -9.82 -13.52 12.45
N LEU A 272 -8.87 -14.13 11.74
CA LEU A 272 -9.12 -14.63 10.39
C LEU A 272 -10.31 -15.58 10.37
N THR A 273 -11.12 -15.48 9.30
CA THR A 273 -12.34 -16.29 9.16
C THR A 273 -12.17 -17.36 8.10
N THR A 274 -11.15 -17.21 7.25
CA THR A 274 -10.90 -18.20 6.20
C THR A 274 -10.33 -19.52 6.77
N LYS A 275 -10.00 -19.54 8.05
CA LYS A 275 -9.77 -20.82 8.74
C LYS A 275 -10.10 -20.60 10.19
N LYS A 276 -10.39 -21.67 10.93
CA LYS A 276 -10.71 -21.48 12.34
C LYS A 276 -9.41 -21.29 13.13
N VAL A 277 -9.23 -20.09 13.65
CA VAL A 277 -7.96 -19.72 14.29
C VAL A 277 -8.05 -20.06 15.79
N ALA A 278 -6.97 -20.66 16.33
CA ALA A 278 -6.91 -21.09 17.75
C ALA A 278 -6.78 -19.89 18.70
N LEU A 279 -7.87 -19.17 18.89
CA LEU A 279 -7.87 -17.92 19.65
C LEU A 279 -7.38 -18.07 21.09
N ARG A 280 -7.85 -19.12 21.78
CA ARG A 280 -7.38 -19.43 23.15
C ARG A 280 -5.83 -19.43 23.28
N SER A 281 -5.15 -20.05 22.31
CA SER A 281 -3.69 -20.05 22.26
C SER A 281 -3.14 -18.66 22.10
N ILE A 282 -3.78 -17.85 21.27
CA ILE A 282 -3.33 -16.44 21.09
C ILE A 282 -3.45 -15.61 22.40
N ILE A 283 -4.59 -15.73 23.10
CA ILE A 283 -4.77 -15.00 24.35
C ILE A 283 -3.73 -15.42 25.44
N GLU A 284 -3.51 -16.72 25.58
CA GLU A 284 -2.62 -17.20 26.62
C GLU A 284 -1.18 -16.75 26.36
N GLU A 285 -0.78 -16.79 25.09
CA GLU A 285 0.52 -16.35 24.70
C GLU A 285 0.69 -14.87 25.02
N LEU A 286 -0.32 -14.05 24.69
CA LEU A 286 -0.22 -12.63 24.99
C LEU A 286 -0.13 -12.38 26.51
N LEU A 287 -0.94 -13.09 27.30
CA LEU A 287 -0.93 -12.93 28.76
C LEU A 287 0.40 -13.37 29.30
N TRP A 288 1.00 -14.35 28.62
CA TRP A 288 2.31 -14.85 28.94
C TRP A 288 3.37 -13.75 28.66
N PHE A 289 3.29 -13.07 27.50
CA PHE A 289 4.22 -11.94 27.24
C PHE A 289 4.08 -10.87 28.32
N ILE A 290 2.85 -10.44 28.54
CA ILE A 290 2.54 -9.40 29.52
C ILE A 290 3.15 -9.67 30.89
N LYS A 291 3.04 -10.89 31.42
CA LYS A 291 3.51 -11.07 32.80
C LYS A 291 5.03 -11.22 32.78
N GLY A 292 5.62 -11.11 31.60
CA GLY A 292 7.07 -11.18 31.46
C GLY A 292 7.71 -12.56 31.45
N SER A 293 6.92 -13.60 31.22
CA SER A 293 7.45 -14.97 31.37
C SER A 293 8.30 -15.37 30.14
N THR A 294 9.37 -16.12 30.38
CA THR A 294 10.15 -16.78 29.33
C THR A 294 10.19 -18.31 29.58
N ASN A 295 9.30 -18.78 30.43
CA ASN A 295 9.23 -20.21 30.76
C ASN A 295 8.17 -20.85 29.88
N GLY A 296 8.58 -21.75 28.99
CA GLY A 296 7.66 -22.45 28.08
C GLY A 296 6.67 -23.34 28.80
N ASN A 297 7.03 -23.79 29.99
CA ASN A 297 6.11 -24.63 30.78
C ASN A 297 4.88 -23.87 31.19
N ASP A 298 4.99 -22.55 31.33
CA ASP A 298 3.85 -21.73 31.74
C ASP A 298 2.78 -21.80 30.67
N LEU A 299 3.21 -21.97 29.43
CA LEU A 299 2.27 -22.13 28.33
C LEU A 299 1.77 -23.56 28.27
N LEU A 300 2.67 -24.54 28.32
CA LEU A 300 2.26 -25.95 28.27
C LEU A 300 1.25 -26.25 29.37
N ALA A 301 1.44 -25.63 30.54
CA ALA A 301 0.55 -25.87 31.69
C ALA A 301 -0.86 -25.39 31.42
N LYS A 302 -1.02 -24.50 30.44
CA LYS A 302 -2.35 -24.02 30.02
C LYS A 302 -2.81 -24.76 28.76
N ASN A 303 -2.10 -25.84 28.42
CA ASN A 303 -2.40 -26.61 27.23
C ASN A 303 -2.29 -25.76 25.92
N VAL A 304 -1.28 -24.89 25.89
CA VAL A 304 -0.87 -24.18 24.70
C VAL A 304 0.54 -24.65 24.28
N ARG A 305 0.64 -25.18 23.06
CA ARG A 305 1.87 -25.89 22.65
C ARG A 305 2.65 -25.19 21.52
N ILE A 306 2.23 -23.97 21.18
CA ILE A 306 2.92 -23.20 20.15
C ILE A 306 4.43 -22.93 20.32
N TRP A 307 4.90 -22.80 21.58
CA TRP A 307 6.33 -22.52 21.87
C TRP A 307 7.12 -23.78 22.21
N GLU A 308 6.45 -24.94 22.18
CA GLU A 308 7.04 -26.18 22.68
C GLU A 308 8.24 -26.65 21.84
N LEU A 309 8.11 -26.58 20.52
CA LEU A 309 9.15 -27.10 19.62
C LEU A 309 10.42 -26.24 19.69
N ASN A 310 10.27 -24.93 19.89
CA ASN A 310 11.45 -24.05 20.07
C ASN A 310 12.12 -24.06 21.49
N GLY A 311 11.52 -24.75 22.49
CA GLY A 311 12.14 -24.90 23.81
C GLY A 311 12.61 -26.31 24.09
N ARG A 312 12.34 -27.22 23.16
CA ARG A 312 12.65 -28.61 23.31
C ARG A 312 14.16 -28.90 23.34
N ARG A 313 14.51 -29.94 24.12
CA ARG A 313 15.88 -30.36 24.35
C ARG A 313 16.73 -30.43 23.07
N ASP A 314 16.21 -31.10 22.03
CA ASP A 314 17.00 -31.26 20.79
C ASP A 314 17.25 -29.93 20.09
N PHE A 315 16.23 -29.08 20.07
CA PHE A 315 16.34 -27.78 19.44
C PHE A 315 17.37 -26.88 20.15
N LEU A 316 17.29 -26.86 21.48
CA LEU A 316 18.26 -26.15 22.29
C LEU A 316 19.70 -26.67 22.02
N ASP A 317 19.87 -27.98 22.14
CA ASP A 317 21.17 -28.63 21.91
C ASP A 317 21.75 -28.26 20.54
N LYS A 318 20.93 -28.38 19.50
CA LYS A 318 21.44 -28.19 18.15
C LYS A 318 21.74 -26.73 17.86
N ASN A 319 21.17 -25.83 18.67
CA ASN A 319 21.57 -24.43 18.62
C ASN A 319 22.60 -24.02 19.67
N GLY A 320 23.27 -25.02 20.26
CA GLY A 320 24.33 -24.76 21.24
C GLY A 320 23.86 -24.46 22.66
N PHE A 321 22.55 -24.49 22.91
CA PHE A 321 21.99 -24.27 24.25
C PHE A 321 21.96 -25.58 25.05
N THR A 322 23.14 -26.18 25.24
CA THR A 322 23.26 -27.49 25.91
C THR A 322 23.16 -27.41 27.43
N ASP A 323 23.41 -26.21 27.97
CA ASP A 323 23.31 -25.93 29.41
C ASP A 323 21.93 -25.38 29.80
N ARG A 324 21.08 -25.11 28.80
CA ARG A 324 19.78 -24.47 29.01
C ARG A 324 18.75 -25.53 29.40
N GLU A 325 18.01 -25.28 30.47
CA GLU A 325 16.92 -26.15 30.89
C GLU A 325 15.88 -26.18 29.80
N GLU A 326 15.21 -27.32 29.64
CA GLU A 326 14.21 -27.45 28.61
C GLU A 326 13.05 -26.42 28.81
N HIS A 327 12.65 -25.77 27.74
CA HIS A 327 11.63 -24.70 27.77
C HIS A 327 12.04 -23.38 28.42
N ASP A 328 13.30 -23.28 28.83
CA ASP A 328 13.82 -21.97 29.10
C ASP A 328 14.23 -21.36 27.73
N LEU A 329 13.35 -20.51 27.20
CA LEU A 329 13.50 -19.89 25.89
C LEU A 329 14.51 -18.72 25.88
N GLY A 330 14.95 -18.32 27.07
CA GLY A 330 15.88 -17.21 27.18
C GLY A 330 15.17 -15.88 27.21
N PRO A 331 15.94 -14.78 27.06
CA PRO A 331 15.42 -13.42 27.28
C PRO A 331 14.64 -12.94 26.06
N ILE A 332 13.55 -13.63 25.73
CA ILE A 332 12.76 -13.27 24.58
C ILE A 332 11.68 -12.26 25.02
N TYR A 333 10.55 -12.22 24.33
CA TYR A 333 9.58 -11.12 24.48
C TYR A 333 9.25 -10.67 25.92
N GLY A 334 8.71 -11.57 26.73
CA GLY A 334 8.31 -11.24 28.12
C GLY A 334 9.42 -10.56 28.86
N PHE A 335 10.63 -11.08 28.73
CA PHE A 335 11.77 -10.49 29.44
C PHE A 335 12.08 -9.10 28.93
N GLN A 336 12.09 -8.92 27.61
CA GLN A 336 12.41 -7.60 27.05
C GLN A 336 11.31 -6.56 27.33
N TRP A 337 10.05 -6.98 27.23
CA TRP A 337 8.93 -6.09 27.55
C TRP A 337 9.04 -5.50 28.94
N ARG A 338 9.45 -6.31 29.92
CA ARG A 338 9.36 -5.91 31.32
C ARG A 338 10.71 -5.61 32.01
N HIS A 339 11.82 -6.06 31.41
CA HIS A 339 13.12 -6.01 32.08
C HIS A 339 14.28 -5.74 31.10
N PHE A 340 14.02 -5.02 30.01
CA PHE A 340 15.08 -4.76 28.99
C PHE A 340 16.33 -4.25 29.67
N GLY A 341 17.45 -4.94 29.47
CA GLY A 341 18.73 -4.50 30.00
C GLY A 341 19.18 -5.19 31.28
N ALA A 342 18.26 -5.83 31.99
CA ALA A 342 18.62 -6.75 33.08
C ALA A 342 19.48 -7.93 32.57
N GLU A 343 20.30 -8.48 33.46
CA GLU A 343 21.11 -9.61 33.09
C GLU A 343 20.29 -10.91 33.22
N TYR A 344 20.11 -11.61 32.11
CA TYR A 344 19.32 -12.83 32.10
C TYR A 344 20.17 -13.93 32.68
N LEU A 345 19.68 -14.55 33.76
CA LEU A 345 20.34 -15.73 34.30
C LEU A 345 19.64 -16.96 33.75
N ASP A 346 18.47 -17.26 34.31
CA ASP A 346 17.55 -18.24 33.73
C ASP A 346 16.09 -17.86 34.01
N MET A 347 15.19 -18.72 33.60
CA MET A 347 13.78 -18.43 33.61
C MET A 347 13.14 -18.47 35.01
N HIS A 348 13.94 -18.83 36.01
CA HIS A 348 13.51 -18.93 37.41
C HIS A 348 13.98 -17.74 38.24
N ALA A 349 14.93 -16.97 37.71
CA ALA A 349 15.48 -15.85 38.49
C ALA A 349 14.41 -14.79 38.81
N ASP A 350 14.59 -14.10 39.92
CA ASP A 350 13.72 -12.99 40.31
C ASP A 350 14.33 -11.75 39.63
N TYR A 351 13.57 -11.14 38.72
CA TYR A 351 14.00 -9.93 38.00
C TYR A 351 13.25 -8.67 38.46
N THR A 352 12.60 -8.76 39.63
CA THR A 352 11.77 -7.66 40.16
C THR A 352 12.63 -6.41 40.32
N GLY A 353 12.16 -5.30 39.77
CA GLY A 353 12.94 -4.06 39.78
C GLY A 353 14.24 -4.04 38.99
N LYS A 354 14.48 -5.07 38.16
CA LYS A 354 15.69 -5.05 37.30
C LYS A 354 15.35 -4.78 35.84
N GLY A 355 16.23 -4.06 35.14
CA GLY A 355 15.98 -3.68 33.76
C GLY A 355 14.88 -2.62 33.63
N ILE A 356 14.55 -2.28 32.40
CA ILE A 356 13.58 -1.24 32.14
C ILE A 356 12.26 -1.91 31.78
N ASP A 357 11.18 -1.47 32.44
CA ASP A 357 9.86 -2.02 32.20
C ASP A 357 9.23 -1.24 31.09
N GLN A 358 9.60 -1.57 29.86
CA GLN A 358 9.08 -0.83 28.71
C GLN A 358 7.56 -0.77 28.72
N LEU A 359 6.89 -1.90 28.98
CA LEU A 359 5.43 -1.94 28.88
C LEU A 359 4.81 -0.92 29.86
N ALA A 360 5.28 -0.93 31.11
CA ALA A 360 4.79 0.00 32.11
C ALA A 360 5.13 1.44 31.74
N GLU A 361 6.34 1.68 31.23
CA GLU A 361 6.76 3.04 30.90
C GLU A 361 5.90 3.63 29.75
N ILE A 362 5.67 2.84 28.70
CA ILE A 362 4.88 3.33 27.55
C ILE A 362 3.42 3.58 27.91
N ILE A 363 2.79 2.68 28.67
CA ILE A 363 1.40 2.89 29.08
C ILE A 363 1.30 4.17 29.92
N ASN A 364 2.28 4.40 30.78
CA ASN A 364 2.25 5.61 31.59
C ASN A 364 2.51 6.85 30.71
N ARG A 365 3.41 6.71 29.73
CA ARG A 365 3.63 7.85 28.84
C ARG A 365 2.41 8.15 27.96
N ILE A 366 1.67 7.11 27.58
CA ILE A 366 0.46 7.34 26.78
C ILE A 366 -0.53 8.20 27.60
N LYS A 367 -0.61 7.95 28.92
CA LYS A 367 -1.48 8.68 29.81
C LYS A 367 -1.03 10.12 30.01
N THR A 368 0.27 10.35 30.21
CA THR A 368 0.78 11.66 30.62
C THR A 368 1.24 12.56 29.46
N ASN A 369 1.74 11.95 28.39
CA ASN A 369 2.22 12.67 27.22
C ASN A 369 1.84 11.87 25.96
N PRO A 370 0.54 11.87 25.59
CA PRO A 370 0.06 11.14 24.42
C PRO A 370 0.70 11.57 23.07
N ASN A 371 1.17 12.81 23.00
CA ASN A 371 1.82 13.30 21.79
C ASN A 371 3.30 13.04 21.72
N ASP A 372 3.85 12.25 22.66
CA ASP A 372 5.25 11.85 22.55
C ASP A 372 5.37 10.99 21.29
N ARG A 373 6.52 11.07 20.61
CA ARG A 373 6.72 10.31 19.39
C ARG A 373 7.72 9.18 19.59
N ARG A 374 7.90 8.78 20.85
CA ARG A 374 8.81 7.67 21.22
C ARG A 374 8.07 6.54 22.00
N LEU A 375 6.81 6.28 21.63
CA LEU A 375 5.99 5.30 22.34
C LEU A 375 6.27 3.87 21.87
N ILE A 376 7.45 3.39 22.18
CA ILE A 376 7.98 2.17 21.59
C ILE A 376 8.34 1.12 22.62
N VAL A 377 7.95 -0.11 22.31
CA VAL A 377 8.43 -1.28 23.05
C VAL A 377 9.26 -2.08 22.03
N CYS A 378 10.55 -2.27 22.36
CA CYS A 378 11.51 -2.88 21.48
C CYS A 378 12.05 -4.14 22.10
N SER A 379 11.84 -5.26 21.42
CA SER A 379 12.30 -6.54 21.97
C SER A 379 13.59 -6.98 21.34
N TRP A 380 14.09 -6.21 20.36
CA TRP A 380 15.32 -6.55 19.64
C TRP A 380 16.51 -6.00 20.43
N ASN A 381 16.72 -6.61 21.58
CA ASN A 381 17.83 -6.26 22.43
C ASN A 381 19.05 -7.01 21.91
N VAL A 382 19.87 -6.27 21.15
CA VAL A 382 20.99 -6.81 20.39
C VAL A 382 22.00 -7.52 21.30
N SER A 383 22.23 -6.98 22.49
CA SER A 383 23.04 -7.63 23.51
C SER A 383 22.55 -9.02 23.93
N ASP A 384 21.25 -9.25 23.84
CA ASP A 384 20.68 -10.49 24.37
C ASP A 384 20.37 -11.57 23.32
N LEU A 385 20.48 -11.20 22.04
CA LEU A 385 20.16 -12.09 20.92
C LEU A 385 20.80 -13.50 21.02
N LYS A 386 22.10 -13.57 21.32
CA LYS A 386 22.80 -14.86 21.46
C LYS A 386 22.26 -15.77 22.58
N LYS A 387 21.51 -15.20 23.53
CA LYS A 387 20.88 -16.00 24.61
C LYS A 387 19.51 -16.55 24.24
N MET A 388 18.98 -16.10 23.09
CA MET A 388 17.56 -16.34 22.79
C MET A 388 17.35 -17.60 21.99
N ALA A 389 16.39 -18.43 22.39
CA ALA A 389 16.12 -19.66 21.64
C ALA A 389 15.67 -19.32 20.21
N LEU A 390 14.91 -18.22 20.11
CA LEU A 390 14.40 -17.68 18.87
C LEU A 390 14.21 -16.18 19.05
N PRO A 391 15.11 -15.40 18.44
CA PRO A 391 15.04 -13.94 18.44
C PRO A 391 13.65 -13.50 18.02
N PRO A 392 13.14 -12.42 18.62
CA PRO A 392 11.75 -12.00 18.38
C PRO A 392 11.42 -11.78 16.89
N CYS A 393 10.30 -12.33 16.42
CA CYS A 393 9.80 -12.06 15.08
C CYS A 393 9.08 -10.73 15.01
N HIS A 394 8.12 -10.53 15.90
CA HIS A 394 7.53 -9.22 16.08
C HIS A 394 8.46 -8.51 17.05
N CYS A 395 9.41 -7.76 16.52
CA CYS A 395 10.50 -7.30 17.35
C CYS A 395 10.43 -5.87 17.88
N PHE A 396 9.39 -5.12 17.50
CA PHE A 396 9.41 -3.68 17.75
C PHE A 396 7.96 -3.25 17.49
N PHE A 397 7.35 -2.52 18.41
CA PHE A 397 6.03 -1.91 18.12
C PHE A 397 5.95 -0.53 18.72
N GLN A 398 5.05 0.28 18.18
CA GLN A 398 5.02 1.68 18.50
C GLN A 398 3.57 2.16 18.53
N PHE A 399 3.19 2.84 19.58
CA PHE A 399 1.83 3.38 19.70
C PHE A 399 1.70 4.80 19.19
N TYR A 400 0.46 5.20 18.95
CA TYR A 400 0.15 6.54 18.48
C TYR A 400 -1.26 6.94 18.90
N VAL A 401 -1.43 8.20 19.27
CA VAL A 401 -2.70 8.67 19.74
C VAL A 401 -3.09 9.87 18.93
N SER A 402 -4.28 9.83 18.34
CA SER A 402 -4.85 11.07 17.87
C SER A 402 -6.36 10.93 17.85
N ASP A 403 -7.07 12.06 17.99
CA ASP A 403 -8.54 12.07 18.08
C ASP A 403 -9.00 11.09 19.18
N ASN A 404 -8.22 10.95 20.25
CA ASN A 404 -8.57 10.08 21.39
C ASN A 404 -8.68 8.60 21.02
N LYS A 405 -7.96 8.22 19.97
CA LYS A 405 -7.90 6.83 19.54
C LYS A 405 -6.46 6.34 19.56
N LEU A 406 -6.25 5.14 20.08
CA LEU A 406 -4.93 4.52 20.08
C LEU A 406 -4.73 3.64 18.86
N SER A 407 -3.66 3.93 18.12
CA SER A 407 -3.23 3.08 17.04
C SER A 407 -1.92 2.33 17.44
N CYS A 408 -1.60 1.24 16.76
CA CYS A 408 -0.31 0.54 16.99
C CYS A 408 0.33 0.10 15.67
N MET A 409 1.64 0.28 15.52
CA MET A 409 2.40 -0.29 14.37
C MET A 409 3.42 -1.33 14.86
N MET A 410 3.44 -2.52 14.25
CA MET A 410 4.42 -3.54 14.60
C MET A 410 5.30 -3.93 13.42
N HIS A 411 6.57 -4.13 13.71
CA HIS A 411 7.50 -4.55 12.68
C HIS A 411 7.76 -6.03 12.87
N GLN A 412 7.44 -6.84 11.89
CA GLN A 412 7.73 -8.29 12.00
C GLN A 412 8.84 -8.68 11.04
N ARG A 413 10.02 -9.03 11.55
CA ARG A 413 11.18 -9.33 10.72
C ARG A 413 10.99 -10.56 9.85
N SER A 414 10.20 -11.50 10.34
CA SER A 414 10.12 -12.77 9.70
C SER A 414 8.70 -13.28 9.94
N CYS A 415 8.00 -13.61 8.87
CA CYS A 415 6.56 -13.83 8.94
C CYS A 415 6.12 -15.17 8.31
N ASP A 416 5.86 -16.15 9.17
CA ASP A 416 5.34 -17.45 8.77
C ASP A 416 3.88 -17.18 8.46
N LEU A 417 3.58 -16.93 7.18
CA LEU A 417 2.27 -16.48 6.80
C LEU A 417 1.19 -17.52 7.14
N GLY A 418 1.54 -18.80 7.05
CA GLY A 418 0.59 -19.89 7.33
C GLY A 418 0.19 -19.95 8.81
N LEU A 419 1.20 -19.93 9.69
CA LEU A 419 0.98 -20.20 11.11
C LEU A 419 0.97 -18.98 12.02
N GLY A 420 2.02 -18.21 11.96
CA GLY A 420 2.25 -17.18 12.95
C GLY A 420 1.57 -15.89 12.65
N VAL A 421 1.63 -15.45 11.40
CA VAL A 421 0.97 -14.19 11.02
C VAL A 421 -0.48 -14.09 11.51
N PRO A 422 -1.30 -15.10 11.27
CA PRO A 422 -2.68 -15.03 11.83
C PRO A 422 -2.68 -14.84 13.35
N PHE A 423 -1.70 -15.42 14.05
CA PHE A 423 -1.58 -15.20 15.51
C PHE A 423 -1.18 -13.76 15.84
N ASN A 424 -0.12 -13.28 15.20
CA ASN A 424 0.42 -11.90 15.38
C ASN A 424 -0.65 -10.84 15.12
N ILE A 425 -1.44 -11.00 14.04
CA ILE A 425 -2.49 -10.00 13.76
C ILE A 425 -3.46 -9.87 14.93
N ALA A 426 -4.01 -10.99 15.36
CA ALA A 426 -4.97 -10.93 16.47
C ALA A 426 -4.33 -10.52 17.85
N SER A 427 -3.13 -11.03 18.11
CA SER A 427 -2.38 -10.72 19.34
C SER A 427 -2.19 -9.20 19.59
N TYR A 428 -1.70 -8.50 18.56
CA TYR A 428 -1.43 -7.08 18.66
C TYR A 428 -2.72 -6.27 18.68
N SER A 429 -3.78 -6.82 18.10
CA SER A 429 -5.08 -6.15 18.14
C SER A 429 -5.61 -6.18 19.57
N ILE A 430 -5.40 -7.28 20.27
CA ILE A 430 -5.83 -7.42 21.64
C ILE A 430 -5.01 -6.54 22.54
N LEU A 431 -3.70 -6.56 22.32
CA LEU A 431 -2.79 -5.73 23.09
C LEU A 431 -3.15 -4.27 22.93
N THR A 432 -3.41 -3.84 21.70
CA THR A 432 -3.81 -2.44 21.44
C THR A 432 -5.11 -2.12 22.19
N ALA A 433 -6.10 -3.00 22.11
CA ALA A 433 -7.36 -2.75 22.82
C ALA A 433 -7.16 -2.66 24.34
N MET A 434 -6.28 -3.51 24.86
CA MET A 434 -5.98 -3.51 26.29
C MET A 434 -5.34 -2.19 26.68
N VAL A 435 -4.31 -1.80 25.94
CA VAL A 435 -3.60 -0.57 26.28
C VAL A 435 -4.58 0.62 26.17
N ALA A 436 -5.41 0.63 25.12
CA ALA A 436 -6.44 1.66 24.93
C ALA A 436 -7.37 1.75 26.11
N GLN A 437 -7.78 0.59 26.62
CA GLN A 437 -8.73 0.59 27.72
C GLN A 437 -8.09 1.17 28.98
N VAL A 438 -6.89 0.71 29.35
CA VAL A 438 -6.31 1.21 30.62
C VAL A 438 -5.95 2.69 30.54
N CYS A 439 -5.78 3.23 29.33
CA CYS A 439 -5.47 4.65 29.18
C CYS A 439 -6.73 5.47 28.89
N GLY A 440 -7.92 4.87 29.02
CA GLY A 440 -9.19 5.55 28.70
C GLY A 440 -9.33 6.02 27.23
N LEU A 441 -8.66 5.34 26.30
CA LEU A 441 -8.72 5.78 24.93
C LEU A 441 -9.65 4.91 24.07
N GLY A 442 -10.19 5.47 23.00
CA GLY A 442 -10.84 4.68 21.94
C GLY A 442 -9.82 3.91 21.08
N LEU A 443 -10.34 3.19 20.08
CA LEU A 443 -9.56 2.32 19.22
C LEU A 443 -9.34 2.90 17.81
N GLY A 444 -8.07 2.91 17.41
CA GLY A 444 -7.66 3.37 16.09
C GLY A 444 -7.32 2.16 15.24
N GLU A 445 -6.10 2.11 14.73
CA GLU A 445 -5.72 1.05 13.83
C GLU A 445 -4.52 0.26 14.30
N PHE A 446 -4.48 -1.02 13.92
CA PHE A 446 -3.27 -1.80 14.00
C PHE A 446 -2.68 -1.87 12.59
N VAL A 447 -1.41 -1.44 12.48
CA VAL A 447 -0.70 -1.39 11.22
C VAL A 447 0.44 -2.42 11.31
N HIS A 448 0.45 -3.38 10.40
CA HIS A 448 1.33 -4.56 10.51
C HIS A 448 2.28 -4.56 9.33
N ASN A 449 3.56 -4.29 9.61
CA ASN A 449 4.61 -4.29 8.62
C ASN A 449 5.27 -5.65 8.60
N LEU A 450 5.35 -6.24 7.41
CA LEU A 450 5.93 -7.56 7.22
C LEU A 450 7.20 -7.35 6.46
N ALA A 451 8.31 -7.86 6.97
CA ALA A 451 9.56 -7.82 6.24
C ALA A 451 9.66 -9.12 5.42
N ASP A 452 10.36 -10.15 5.90
CA ASP A 452 10.49 -11.40 5.11
C ASP A 452 9.18 -12.18 5.32
N ALA A 453 8.29 -12.14 4.33
CA ALA A 453 6.98 -12.81 4.45
C ALA A 453 7.06 -14.04 3.57
N HIS A 454 6.76 -15.19 4.14
CA HIS A 454 7.02 -16.45 3.43
C HIS A 454 5.99 -17.50 3.74
N ILE A 455 5.96 -18.50 2.88
CA ILE A 455 5.07 -19.63 3.01
C ILE A 455 5.88 -20.90 2.88
N TYR A 456 5.95 -21.68 3.97
CA TYR A 456 6.67 -22.94 3.93
C TYR A 456 6.05 -23.86 2.89
N VAL A 457 6.91 -24.66 2.25
CA VAL A 457 6.50 -25.57 1.15
C VAL A 457 5.41 -26.51 1.63
N ASP A 458 5.47 -26.92 2.89
CA ASP A 458 4.45 -27.85 3.38
C ASP A 458 3.13 -27.17 3.79
N HIS A 459 3.01 -25.87 3.53
CA HIS A 459 1.76 -25.13 3.78
C HIS A 459 1.05 -24.72 2.47
N VAL A 460 1.71 -24.94 1.33
CA VAL A 460 1.20 -24.50 0.01
C VAL A 460 -0.24 -24.98 -0.26
N ASP A 461 -0.49 -26.28 -0.08
CA ASP A 461 -1.82 -26.86 -0.31
C ASP A 461 -2.85 -26.20 0.62
N ALA A 462 -2.51 -26.16 1.91
CA ALA A 462 -3.31 -25.49 2.94
C ALA A 462 -3.71 -24.08 2.55
N VAL A 463 -2.72 -23.23 2.22
CA VAL A 463 -3.00 -21.83 1.84
C VAL A 463 -3.70 -21.66 0.48
N THR A 464 -3.43 -22.58 -0.45
CA THR A 464 -4.16 -22.64 -1.75
C THR A 464 -5.66 -22.89 -1.50
N THR A 465 -5.97 -23.90 -0.71
CA THR A 465 -7.32 -24.08 -0.18
C THR A 465 -7.85 -22.80 0.50
N GLN A 466 -7.05 -22.18 1.37
CA GLN A 466 -7.55 -21.08 2.17
C GLN A 466 -7.97 -19.88 1.35
N ILE A 467 -7.15 -19.52 0.36
CA ILE A 467 -7.39 -18.28 -0.41
C ILE A 467 -8.61 -18.31 -1.33
N ALA A 468 -9.18 -19.50 -1.59
CA ALA A 468 -10.44 -19.61 -2.35
C ALA A 468 -11.69 -19.45 -1.45
N ARG A 469 -11.48 -19.46 -0.13
CA ARG A 469 -12.59 -19.34 0.83
C ARG A 469 -13.09 -17.91 0.95
N ILE A 470 -14.40 -17.69 0.81
CA ILE A 470 -14.97 -16.33 0.98
C ILE A 470 -14.99 -15.99 2.45
N PRO A 471 -14.34 -14.86 2.83
CA PRO A 471 -14.30 -14.47 4.23
C PRO A 471 -15.68 -14.17 4.80
N HIS A 472 -15.88 -14.51 6.06
CA HIS A 472 -17.05 -14.13 6.81
C HIS A 472 -16.77 -12.73 7.38
N PRO A 473 -17.84 -12.02 7.78
CA PRO A 473 -17.55 -10.79 8.54
C PRO A 473 -16.67 -11.13 9.75
N PHE A 474 -15.67 -10.29 10.03
CA PHE A 474 -14.85 -10.48 11.23
C PHE A 474 -15.74 -10.47 12.49
N PRO A 475 -15.25 -11.07 13.59
CA PRO A 475 -15.90 -10.98 14.89
C PRO A 475 -15.61 -9.62 15.54
N ARG A 476 -16.05 -9.43 16.77
CA ARG A 476 -15.76 -8.21 17.54
C ARG A 476 -15.22 -8.60 18.89
N LEU A 477 -14.46 -7.69 19.48
CA LEU A 477 -13.80 -7.93 20.76
C LEU A 477 -14.42 -7.16 21.92
N ARG A 478 -14.62 -7.80 23.06
CA ARG A 478 -15.09 -7.13 24.26
CA ARG A 478 -15.06 -7.11 24.24
C ARG A 478 -14.15 -7.40 25.42
N LEU A 479 -13.60 -6.35 26.00
CA LEU A 479 -12.79 -6.52 27.17
C LEU A 479 -13.63 -6.21 28.40
N ASN A 480 -13.34 -6.88 29.50
CA ASN A 480 -14.02 -6.61 30.75
C ASN A 480 -13.69 -5.15 31.17
N PRO A 481 -14.71 -4.28 31.20
CA PRO A 481 -14.40 -2.86 31.38
C PRO A 481 -13.90 -2.51 32.79
N ASP A 482 -14.02 -3.41 33.76
CA ASP A 482 -13.52 -3.16 35.12
C ASP A 482 -11.99 -3.18 35.23
N ILE A 483 -11.34 -3.80 34.23
CA ILE A 483 -9.88 -3.97 34.28
C ILE A 483 -9.14 -2.65 34.09
N ARG A 484 -8.34 -2.27 35.07
CA ARG A 484 -7.71 -0.95 35.10
C ARG A 484 -6.20 -1.02 34.86
N ASN A 485 -5.65 -2.23 34.88
CA ASN A 485 -4.22 -2.44 34.79
C ASN A 485 -3.97 -3.63 33.90
N ILE A 486 -2.97 -3.52 33.01
CA ILE A 486 -2.78 -4.48 31.96
C ILE A 486 -2.39 -5.84 32.51
N GLU A 487 -1.69 -5.83 33.63
CA GLU A 487 -1.34 -7.04 34.34
C GLU A 487 -2.54 -7.77 34.92
N ASP A 488 -3.68 -7.09 35.07
CA ASP A 488 -4.86 -7.74 35.64
C ASP A 488 -5.74 -8.51 34.65
N PHE A 489 -5.56 -8.33 33.33
CA PHE A 489 -6.38 -9.09 32.37
C PHE A 489 -6.14 -10.58 32.57
N THR A 490 -7.21 -11.36 32.60
CA THR A 490 -7.15 -12.84 32.60
C THR A 490 -7.89 -13.32 31.36
N ILE A 491 -7.75 -14.59 31.00
CA ILE A 491 -8.41 -15.11 29.80
C ILE A 491 -9.92 -14.80 29.76
N ASP A 492 -10.59 -14.84 30.91
CA ASP A 492 -12.03 -14.55 30.98
C ASP A 492 -12.40 -13.08 30.79
N ASP A 493 -11.40 -12.18 30.81
CA ASP A 493 -11.65 -10.75 30.61
C ASP A 493 -11.63 -10.34 29.14
N ILE A 494 -11.31 -11.28 28.28
CA ILE A 494 -11.05 -11.01 26.86
C ILE A 494 -11.95 -11.91 26.02
N VAL A 495 -13.00 -11.33 25.46
CA VAL A 495 -14.06 -12.12 24.85
C VAL A 495 -14.19 -11.72 23.40
N VAL A 496 -14.14 -12.71 22.53
CA VAL A 496 -14.39 -12.49 21.12
C VAL A 496 -15.81 -12.96 20.84
N GLU A 497 -16.67 -12.05 20.39
CA GLU A 497 -18.07 -12.39 20.11
C GLU A 497 -18.29 -12.53 18.62
N ASP A 498 -19.25 -13.39 18.24
CA ASP A 498 -19.72 -13.47 16.85
C ASP A 498 -18.63 -13.90 15.90
N TYR A 499 -17.81 -14.86 16.34
CA TYR A 499 -16.83 -15.46 15.46
C TYR A 499 -17.48 -16.54 14.60
N VAL A 500 -17.47 -16.30 13.28
CA VAL A 500 -17.95 -17.25 12.26
C VAL A 500 -16.73 -17.53 11.35
N SER A 501 -16.41 -18.81 11.14
CA SER A 501 -15.22 -19.15 10.37
C SER A 501 -15.43 -20.45 9.60
N HIS A 502 -14.67 -20.60 8.52
CA HIS A 502 -14.51 -21.82 7.77
C HIS A 502 -13.75 -22.86 8.63
N PRO A 503 -13.65 -24.12 8.16
CA PRO A 503 -12.99 -25.12 9.05
C PRO A 503 -11.50 -24.82 9.33
N PRO A 504 -10.97 -25.34 10.47
CA PRO A 504 -9.53 -25.24 10.71
C PRO A 504 -8.75 -25.89 9.60
N ILE A 505 -7.54 -25.40 9.35
CA ILE A 505 -6.68 -26.02 8.36
C ILE A 505 -5.39 -26.44 9.03
N PRO A 506 -5.18 -27.76 9.16
CA PRO A 506 -3.95 -28.23 9.80
C PRO A 506 -2.73 -27.71 9.05
N MET A 507 -1.77 -27.23 9.81
CA MET A 507 -0.49 -26.77 9.29
C MET A 507 0.59 -27.06 10.34
N ALA A 508 1.66 -27.69 9.90
CA ALA A 508 2.75 -28.12 10.79
C ALA A 508 3.79 -27.02 10.89
N MET A 509 4.33 -26.82 12.11
CA MET A 509 5.35 -25.80 12.38
C MET A 509 6.75 -26.33 12.11
N SER A 510 7.55 -25.51 11.43
CA SER A 510 8.96 -25.82 11.22
C SER A 510 9.79 -25.11 12.28
N ALA A 511 10.50 -25.92 13.06
CA ALA A 511 11.26 -25.40 14.19
C ALA A 511 12.62 -24.86 13.74
N SER B 4 -6.63 25.33 -44.66
CA SER B 4 -5.29 24.83 -45.10
C SER B 4 -4.96 23.49 -44.48
N TYR B 5 -5.12 23.39 -43.16
CA TYR B 5 -4.95 22.10 -42.48
C TYR B 5 -6.27 21.47 -42.06
N GLU B 6 -7.33 21.74 -42.83
CA GLU B 6 -8.60 21.09 -42.57
C GLU B 6 -8.38 19.58 -42.64
N GLY B 7 -8.86 18.88 -41.61
CA GLY B 7 -8.77 17.41 -41.53
C GLY B 7 -7.40 16.84 -41.17
N CYS B 8 -6.49 17.71 -40.69
CA CYS B 8 -5.09 17.32 -40.45
C CYS B 8 -4.68 17.30 -38.98
N GLY B 9 -5.66 17.24 -38.09
CA GLY B 9 -5.39 17.31 -36.67
C GLY B 9 -5.36 15.94 -36.03
N ASP B 10 -5.24 15.93 -34.70
CA ASP B 10 -5.11 14.70 -33.93
C ASP B 10 -3.97 13.84 -34.51
N LEU B 11 -2.83 14.49 -34.76
CA LEU B 11 -1.60 13.78 -35.05
C LEU B 11 -0.80 13.58 -33.76
N THR B 12 -0.38 12.34 -33.52
CA THR B 12 0.26 11.99 -32.27
C THR B 12 1.77 11.85 -32.41
N ILE B 13 2.49 12.62 -31.59
CA ILE B 13 3.93 12.68 -31.64
C ILE B 13 4.55 11.61 -30.71
N PHE B 14 5.57 10.90 -31.23
CA PHE B 14 6.55 10.14 -30.41
C PHE B 14 7.93 10.75 -30.63
N VAL B 15 8.64 11.09 -29.56
CA VAL B 15 10.00 11.67 -29.67
C VAL B 15 10.79 11.33 -28.42
N ALA B 16 12.13 11.25 -28.53
CA ALA B 16 13.03 11.17 -27.36
C ALA B 16 13.90 12.43 -27.35
N VAL B 17 14.02 13.09 -26.20
CA VAL B 17 14.56 14.44 -26.14
C VAL B 17 15.55 14.59 -25.01
N ALA B 18 16.74 15.10 -25.30
CA ALA B 18 17.76 15.32 -24.26
C ALA B 18 17.40 16.54 -23.42
N LEU B 19 18.13 16.73 -22.32
CA LEU B 19 17.85 17.84 -21.40
C LEU B 19 17.96 19.22 -22.06
N ASN B 20 18.92 19.38 -22.96
CA ASN B 20 19.08 20.60 -23.72
C ASN B 20 18.19 20.61 -24.99
N LYS B 21 17.15 19.77 -25.00
CA LYS B 21 16.16 19.66 -26.10
C LYS B 21 16.69 19.10 -27.42
N VAL B 22 17.93 18.67 -27.44
CA VAL B 22 18.52 18.10 -28.63
C VAL B 22 17.85 16.76 -28.94
N ILE B 23 17.56 16.51 -30.21
CA ILE B 23 17.04 15.21 -30.65
C ILE B 23 17.86 14.56 -31.77
N GLY B 24 18.80 15.28 -32.38
CA GLY B 24 19.60 14.75 -33.53
C GLY B 24 20.98 15.39 -33.65
N HIS B 25 21.94 14.59 -34.10
CA HIS B 25 23.33 14.99 -34.23
C HIS B 25 23.92 14.31 -35.45
N LYS B 26 24.35 15.10 -36.45
CA LYS B 26 24.88 14.57 -37.71
C LYS B 26 23.94 13.50 -38.34
N ASN B 27 22.64 13.80 -38.40
CA ASN B 27 21.61 12.83 -38.83
C ASN B 27 21.60 11.48 -38.11
N GLN B 28 22.01 11.48 -36.86
CA GLN B 28 22.01 10.27 -36.06
C GLN B 28 21.38 10.59 -34.70
N ILE B 29 20.97 9.55 -34.00
CA ILE B 29 20.52 9.72 -32.62
C ILE B 29 21.72 10.21 -31.77
N PRO B 30 21.54 11.26 -30.96
CA PRO B 30 22.69 11.91 -30.28
C PRO B 30 23.32 11.12 -29.14
N TRP B 31 22.55 10.23 -28.52
CA TRP B 31 23.03 9.44 -27.40
C TRP B 31 23.27 8.02 -27.88
N PRO B 32 24.01 7.20 -27.09
CA PRO B 32 24.04 5.77 -27.35
C PRO B 32 22.63 5.20 -27.25
N HIS B 33 22.35 4.18 -28.05
CA HIS B 33 20.98 3.70 -28.21
C HIS B 33 20.45 3.17 -26.92
N ILE B 34 19.19 3.50 -26.65
CA ILE B 34 18.47 2.97 -25.51
C ILE B 34 17.43 2.03 -26.10
N THR B 35 17.71 0.74 -26.08
CA THR B 35 16.84 -0.17 -26.81
C THR B 35 15.48 -0.23 -26.12
N HIS B 36 15.48 -0.04 -24.79
CA HIS B 36 14.24 0.08 -24.06
C HIS B 36 13.33 1.20 -24.63
N ASP B 37 13.91 2.34 -25.02
CA ASP B 37 13.16 3.41 -25.69
C ASP B 37 12.60 2.93 -27.05
N PHE B 38 13.43 2.23 -27.83
CA PHE B 38 13.00 1.66 -29.13
C PHE B 38 11.78 0.72 -28.98
N ARG B 39 11.79 -0.13 -27.94
CA ARG B 39 10.68 -1.06 -27.68
CA ARG B 39 10.69 -1.06 -27.66
C ARG B 39 9.42 -0.29 -27.27
N PHE B 40 9.58 0.72 -26.44
CA PHE B 40 8.49 1.62 -26.05
C PHE B 40 7.83 2.28 -27.27
N LEU B 41 8.66 2.88 -28.14
CA LEU B 41 8.22 3.44 -29.43
C LEU B 41 7.52 2.40 -30.28
N ARG B 42 8.13 1.22 -30.39
CA ARG B 42 7.55 0.15 -31.18
C ARG B 42 6.20 -0.21 -30.62
N ASN B 43 6.12 -0.41 -29.30
CA ASN B 43 4.87 -0.82 -28.66
C ASN B 43 3.82 0.26 -28.78
N GLY B 44 4.23 1.53 -28.61
CA GLY B 44 3.32 2.66 -28.69
C GLY B 44 2.72 2.81 -30.07
N THR B 45 3.54 2.65 -31.12
CA THR B 45 3.11 2.98 -32.47
C THR B 45 2.43 1.83 -33.20
N THR B 46 2.59 0.61 -32.70
CA THR B 46 1.99 -0.54 -33.31
C THR B 46 0.59 -0.84 -32.76
N TYR B 47 0.29 -0.40 -31.54
CA TYR B 47 -0.94 -0.81 -30.87
C TYR B 47 -2.24 -0.55 -31.64
N ILE B 48 -3.06 -1.60 -31.74
CA ILE B 48 -4.41 -1.51 -32.30
C ILE B 48 -5.40 -2.00 -31.26
N PRO B 49 -6.43 -1.18 -30.95
CA PRO B 49 -7.45 -1.64 -30.00
C PRO B 49 -8.05 -3.00 -30.42
N PRO B 50 -8.36 -3.89 -29.45
CA PRO B 50 -9.00 -5.17 -29.76
C PRO B 50 -10.22 -5.03 -30.69
N GLU B 51 -11.14 -4.13 -30.34
CA GLU B 51 -12.39 -3.93 -31.12
C GLU B 51 -12.10 -3.61 -32.58
N VAL B 52 -11.21 -2.65 -32.83
CA VAL B 52 -10.85 -2.28 -34.19
C VAL B 52 -10.18 -3.44 -34.94
N LEU B 53 -9.37 -4.21 -34.24
CA LEU B 53 -8.57 -5.27 -34.85
C LEU B 53 -9.39 -6.50 -35.26
N SER B 54 -10.42 -6.84 -34.49
CA SER B 54 -11.26 -7.98 -34.85
C SER B 54 -12.11 -7.66 -36.09
N LYS B 55 -12.56 -6.41 -36.21
CA LYS B 55 -13.28 -5.96 -37.42
C LYS B 55 -12.39 -5.89 -38.67
N ASN B 56 -11.22 -5.24 -38.56
CA ASN B 56 -10.22 -5.23 -39.64
CA ASN B 56 -10.21 -5.19 -39.63
C ASN B 56 -8.90 -5.80 -39.12
N PRO B 57 -8.67 -7.12 -39.29
CA PRO B 57 -7.48 -7.72 -38.67
C PRO B 57 -6.14 -7.39 -39.37
N ASP B 58 -6.18 -6.83 -40.57
CA ASP B 58 -4.97 -6.41 -41.27
C ASP B 58 -4.65 -4.93 -41.04
N ILE B 59 -5.45 -4.26 -40.21
CA ILE B 59 -5.31 -2.81 -40.02
C ILE B 59 -4.00 -2.46 -39.32
N GLN B 60 -3.37 -1.37 -39.77
CA GLN B 60 -2.12 -0.89 -39.15
C GLN B 60 -2.20 0.60 -38.84
N ASN B 61 -1.33 1.05 -37.95
CA ASN B 61 -1.12 2.47 -37.75
C ASN B 61 -0.20 3.03 -38.81
N VAL B 62 -0.18 4.35 -38.90
CA VAL B 62 0.74 5.07 -39.79
C VAL B 62 1.87 5.75 -38.97
N VAL B 63 3.10 5.67 -39.50
CA VAL B 63 4.20 6.51 -39.00
C VAL B 63 4.69 7.41 -40.10
N ILE B 64 4.88 8.69 -39.76
CA ILE B 64 5.34 9.70 -40.71
C ILE B 64 6.68 10.29 -40.27
N PHE B 65 7.61 10.37 -41.23
CA PHE B 65 8.97 10.89 -41.04
C PHE B 65 9.31 11.93 -42.11
N GLY B 66 10.27 12.81 -41.79
CA GLY B 66 11.09 13.49 -42.83
C GLY B 66 12.09 12.48 -43.42
N ARG B 67 12.69 12.76 -44.58
CA ARG B 67 13.64 11.78 -45.12
C ARG B 67 14.85 11.62 -44.19
N LYS B 68 15.30 12.73 -43.60
CA LYS B 68 16.54 12.71 -42.84
C LYS B 68 16.41 11.78 -41.64
N THR B 69 15.27 11.83 -40.96
CA THR B 69 14.98 10.88 -39.87
C THR B 69 14.91 9.43 -40.34
N TYR B 70 14.34 9.20 -41.52
CA TYR B 70 14.24 7.84 -42.06
C TYR B 70 15.59 7.11 -42.19
N GLU B 71 16.64 7.83 -42.58
CA GLU B 71 17.99 7.24 -42.65
C GLU B 71 18.64 7.08 -41.25
N SER B 72 18.21 7.92 -40.31
CA SER B 72 18.55 7.79 -38.88
C SER B 72 18.31 6.38 -38.31
N ILE B 73 17.69 5.55 -39.15
CA ILE B 73 17.31 4.19 -38.78
C ILE B 73 18.11 3.20 -39.64
N PRO B 74 18.54 2.07 -39.03
CA PRO B 74 19.19 0.94 -39.73
C PRO B 74 18.38 0.36 -40.93
N LYS B 75 18.92 -0.66 -41.59
CA LYS B 75 18.10 -1.51 -42.44
C LYS B 75 17.51 -2.64 -41.58
N ALA B 76 18.25 -3.02 -40.53
CA ALA B 76 17.85 -4.08 -39.60
C ALA B 76 16.42 -3.92 -39.10
N SER B 77 15.95 -2.68 -39.13
CA SER B 77 14.66 -2.30 -38.58
C SER B 77 13.80 -1.49 -39.55
N LEU B 78 14.27 -1.35 -40.80
CA LEU B 78 13.62 -0.50 -41.79
C LEU B 78 13.15 -1.25 -43.04
N PRO B 79 11.95 -0.92 -43.59
CA PRO B 79 10.89 -0.02 -43.08
C PRO B 79 10.26 -0.53 -41.78
N LEU B 80 9.78 0.38 -40.94
CA LEU B 80 9.22 0.00 -39.64
C LEU B 80 8.09 -1.03 -39.77
N LYS B 81 8.36 -2.21 -39.23
CA LYS B 81 7.52 -3.39 -39.35
C LYS B 81 6.11 -3.15 -38.81
N ASN B 82 5.11 -3.67 -39.54
CA ASN B 82 3.70 -3.65 -39.12
C ASN B 82 3.00 -2.30 -39.07
N ARG B 83 3.62 -1.29 -39.67
CA ARG B 83 3.01 0.01 -39.72
C ARG B 83 3.16 0.50 -41.14
N ILE B 84 2.27 1.36 -41.59
CA ILE B 84 2.46 2.04 -42.86
C ILE B 84 3.52 3.12 -42.60
N ASN B 85 4.60 3.05 -43.38
CA ASN B 85 5.65 4.05 -43.34
C ASN B 85 5.43 5.09 -44.41
N VAL B 86 5.49 6.35 -44.01
CA VAL B 86 5.26 7.45 -44.89
C VAL B 86 6.42 8.43 -44.70
N ILE B 87 6.94 8.96 -45.80
CA ILE B 87 8.04 9.91 -45.73
C ILE B 87 7.58 11.16 -46.43
N LEU B 88 7.93 12.30 -45.84
CA LEU B 88 7.64 13.59 -46.43
C LEU B 88 8.94 14.11 -47.01
N SER B 89 8.87 14.59 -48.24
CA SER B 89 10.07 15.01 -48.98
C SER B 89 9.70 15.68 -50.28
N ARG B 90 10.49 16.71 -50.64
CA ARG B 90 10.34 17.45 -51.88
CA ARG B 90 10.31 17.43 -51.89
C ARG B 90 11.45 17.10 -52.85
N THR B 91 12.35 16.21 -52.44
CA THR B 91 13.50 15.86 -53.27
C THR B 91 13.61 14.39 -53.70
N VAL B 92 12.99 13.49 -52.94
CA VAL B 92 12.89 12.08 -53.36
C VAL B 92 11.45 11.77 -53.76
N LYS B 93 11.31 11.00 -54.84
CA LYS B 93 10.01 10.60 -55.37
C LYS B 93 9.58 9.23 -54.85
N GLU B 94 10.50 8.27 -54.83
CA GLU B 94 10.18 6.89 -54.41
C GLU B 94 11.14 6.35 -53.34
N VAL B 95 10.60 5.56 -52.42
CA VAL B 95 11.38 4.86 -51.41
C VAL B 95 10.76 3.48 -51.22
N PRO B 96 11.59 2.41 -51.27
CA PRO B 96 11.17 1.03 -50.96
C PRO B 96 10.44 0.91 -49.64
N GLY B 97 9.24 0.32 -49.69
CA GLY B 97 8.47 0.03 -48.49
C GLY B 97 7.60 1.17 -47.96
N CYS B 98 7.69 2.33 -48.59
CA CYS B 98 7.03 3.55 -48.11
C CYS B 98 6.14 4.26 -49.10
N LEU B 99 5.23 5.06 -48.56
CA LEU B 99 4.50 6.06 -49.33
C LEU B 99 5.28 7.37 -49.19
N VAL B 100 5.25 8.22 -50.21
CA VAL B 100 6.02 9.45 -50.19
C VAL B 100 5.08 10.61 -50.55
N TYR B 101 5.08 11.66 -49.72
CA TYR B 101 4.33 12.86 -50.09
C TYR B 101 5.21 14.13 -50.01
N GLU B 102 4.82 15.12 -50.79
CA GLU B 102 5.55 16.37 -50.89
C GLU B 102 5.34 17.26 -49.67
N ASP B 103 4.16 17.16 -49.04
CA ASP B 103 3.89 17.93 -47.83
C ASP B 103 2.86 17.28 -46.92
N LEU B 104 2.84 17.75 -45.68
CA LEU B 104 2.06 17.11 -44.64
C LEU B 104 0.56 17.15 -44.89
N SER B 105 0.05 18.30 -45.30
CA SER B 105 -1.39 18.48 -45.47
C SER B 105 -1.93 17.54 -46.56
N THR B 106 -1.23 17.47 -47.70
CA THR B 106 -1.53 16.45 -48.71
C THR B 106 -1.49 15.04 -48.09
N ALA B 107 -0.40 14.71 -47.41
CA ALA B 107 -0.23 13.37 -46.84
C ALA B 107 -1.42 12.93 -45.97
N ILE B 108 -1.76 13.76 -44.98
CA ILE B 108 -2.80 13.42 -43.99
C ILE B 108 -4.15 13.25 -44.67
N ARG B 109 -4.52 14.22 -45.50
CA ARG B 109 -5.72 14.11 -46.35
C ARG B 109 -5.78 12.84 -47.18
N ASP B 110 -4.72 12.54 -47.92
CA ASP B 110 -4.70 11.32 -48.75
C ASP B 110 -4.90 10.11 -47.86
N LEU B 111 -4.10 10.04 -46.81
CA LEU B 111 -4.16 8.95 -45.83
C LEU B 111 -5.55 8.70 -45.28
N ARG B 112 -6.19 9.75 -44.75
CA ARG B 112 -7.50 9.59 -44.10
C ARG B 112 -8.66 9.38 -45.10
N ALA B 113 -8.46 9.81 -46.35
CA ALA B 113 -9.44 9.56 -47.39
C ALA B 113 -9.26 8.21 -48.07
N ASN B 114 -8.00 7.78 -48.29
CA ASN B 114 -7.74 6.71 -49.26
C ASN B 114 -6.94 5.51 -48.76
N VAL B 115 -6.31 5.66 -47.60
CA VAL B 115 -5.52 4.57 -47.03
C VAL B 115 -6.06 4.09 -45.67
N PRO B 116 -6.84 2.97 -45.69
CA PRO B 116 -7.29 2.32 -44.46
C PRO B 116 -6.15 2.13 -43.43
N HIS B 117 -6.34 2.71 -42.25
CA HIS B 117 -5.35 2.71 -41.19
C HIS B 117 -6.06 2.98 -39.86
N ASN B 118 -5.34 2.86 -38.75
CA ASN B 118 -5.95 3.08 -37.45
C ASN B 118 -5.61 4.47 -36.97
N LYS B 119 -4.35 4.67 -36.62
CA LYS B 119 -3.89 5.93 -36.05
C LYS B 119 -2.61 6.40 -36.75
N ILE B 120 -2.47 7.71 -36.89
CA ILE B 120 -1.28 8.32 -37.47
C ILE B 120 -0.34 8.78 -36.36
N PHE B 121 0.93 8.39 -36.48
CA PHE B 121 1.97 8.87 -35.55
C PHE B 121 3.01 9.72 -36.26
N ILE B 122 3.53 10.72 -35.55
CA ILE B 122 4.54 11.62 -36.10
C ILE B 122 5.91 11.31 -35.45
N LEU B 123 6.88 10.89 -36.27
CA LEU B 123 8.17 10.47 -35.73
C LEU B 123 9.34 11.36 -36.14
N GLY B 124 9.05 12.58 -36.56
CA GLY B 124 10.08 13.61 -36.71
C GLY B 124 10.66 13.67 -38.10
N GLY B 125 11.65 14.54 -38.33
CA GLY B 125 12.32 15.32 -37.29
C GLY B 125 11.76 16.70 -37.02
N SER B 126 12.66 17.62 -36.69
CA SER B 126 12.26 18.94 -36.25
C SER B 126 11.36 19.72 -37.19
N PHE B 127 11.71 19.72 -38.48
CA PHE B 127 10.89 20.36 -39.51
C PHE B 127 9.44 19.94 -39.27
N LEU B 128 9.24 18.62 -39.26
CA LEU B 128 7.91 18.03 -39.17
C LEU B 128 7.23 18.33 -37.82
N TYR B 129 7.94 18.10 -36.72
CA TYR B 129 7.44 18.43 -35.39
C TYR B 129 7.03 19.90 -35.26
N LYS B 130 7.85 20.79 -35.83
CA LYS B 130 7.61 22.23 -35.78
C LYS B 130 6.33 22.59 -36.55
N GLU B 131 6.18 22.03 -37.74
CA GLU B 131 4.96 22.26 -38.52
C GLU B 131 3.74 21.76 -37.76
N VAL B 132 3.86 20.55 -37.21
CA VAL B 132 2.76 19.94 -36.45
C VAL B 132 2.32 20.81 -35.24
N LEU B 133 3.28 21.26 -34.45
CA LEU B 133 2.99 22.06 -33.25
C LEU B 133 2.60 23.53 -33.53
N ASP B 134 3.30 24.20 -34.45
CA ASP B 134 2.94 25.58 -34.82
C ASP B 134 1.54 25.67 -35.35
N ASN B 135 1.04 24.57 -35.90
CA ASN B 135 -0.27 24.59 -36.51
C ASN B 135 -1.37 23.89 -35.72
N GLY B 136 -1.08 23.54 -34.47
CA GLY B 136 -2.09 22.91 -33.58
C GLY B 136 -2.61 21.53 -33.96
N LEU B 137 -1.80 20.77 -34.70
CA LEU B 137 -2.25 19.50 -35.30
C LEU B 137 -2.09 18.29 -34.38
N CYS B 138 -1.47 18.52 -33.23
CA CYS B 138 -1.16 17.46 -32.27
C CYS B 138 -2.01 17.56 -31.01
N ASP B 139 -2.65 16.46 -30.63
CA ASP B 139 -3.42 16.42 -29.39
C ASP B 139 -2.74 15.66 -28.27
N LYS B 140 -1.65 14.98 -28.60
CA LYS B 140 -1.02 14.06 -27.67
C LYS B 140 0.45 13.83 -28.04
N ILE B 141 1.30 13.84 -27.03
CA ILE B 141 2.73 13.60 -27.23
C ILE B 141 3.23 12.48 -26.30
N TYR B 142 3.90 11.50 -26.89
CA TYR B 142 4.62 10.49 -26.12
C TYR B 142 6.09 10.90 -26.13
N LEU B 143 6.59 11.26 -24.96
CA LEU B 143 7.91 11.84 -24.89
C LEU B 143 8.80 11.10 -23.87
N THR B 144 9.96 10.69 -24.36
CA THR B 144 10.96 10.05 -23.52
C THR B 144 11.90 11.14 -23.08
N ARG B 145 12.02 11.31 -21.76
CA ARG B 145 12.82 12.40 -21.23
C ARG B 145 14.18 11.87 -20.81
N LEU B 146 15.25 12.37 -21.41
CA LEU B 146 16.61 12.01 -20.93
C LEU B 146 17.20 13.13 -20.07
N ASN B 147 17.68 12.75 -18.90
CA ASN B 147 18.13 13.72 -17.90
C ASN B 147 19.52 14.24 -18.14
N LYS B 148 19.96 14.21 -19.38
CA LYS B 148 21.31 14.62 -19.71
C LYS B 148 21.34 15.39 -21.03
N GLU B 149 22.20 16.40 -21.09
CA GLU B 149 22.54 17.13 -22.31
C GLU B 149 23.46 16.33 -23.21
N TYR B 150 23.15 16.35 -24.51
CA TYR B 150 23.93 15.71 -25.55
C TYR B 150 24.21 16.73 -26.65
N PRO B 151 25.39 16.62 -27.29
CA PRO B 151 25.71 17.48 -28.42
C PRO B 151 24.69 17.23 -29.52
N GLY B 152 24.26 18.27 -30.20
CA GLY B 152 23.33 18.07 -31.32
C GLY B 152 23.16 19.31 -32.15
N ASP B 153 22.37 19.17 -33.21
CA ASP B 153 22.16 20.22 -34.19
C ASP B 153 20.68 20.31 -34.63
N THR B 154 19.88 19.39 -34.07
CA THR B 154 18.44 19.22 -34.34
C THR B 154 17.72 19.20 -32.96
N TYR B 155 16.69 20.04 -32.79
CA TYR B 155 16.02 20.18 -31.49
C TYR B 155 14.52 19.97 -31.55
N PHE B 156 13.96 19.44 -30.47
CA PHE B 156 12.53 19.42 -30.31
C PHE B 156 12.04 20.80 -29.89
N PRO B 157 11.02 21.32 -30.58
CA PRO B 157 10.43 22.62 -30.30
C PRO B 157 9.85 22.67 -28.90
N ASP B 158 9.63 23.86 -28.36
CA ASP B 158 9.04 23.98 -27.03
C ASP B 158 7.61 23.52 -27.15
N ILE B 159 7.14 22.76 -26.17
CA ILE B 159 5.74 22.35 -26.17
C ILE B 159 4.90 23.52 -25.66
N PRO B 160 3.86 23.90 -26.42
CA PRO B 160 2.98 25.00 -26.02
C PRO B 160 2.29 24.79 -24.66
N ASP B 161 2.01 25.90 -23.99
CA ASP B 161 1.34 25.95 -22.69
CA ASP B 161 1.38 25.88 -22.67
C ASP B 161 -0.07 25.40 -22.74
N THR B 162 -0.56 25.14 -23.96
CA THR B 162 -1.83 24.48 -24.21
C THR B 162 -1.80 22.99 -23.81
N PHE B 163 -0.60 22.42 -23.70
CA PHE B 163 -0.40 21.01 -23.28
C PHE B 163 -0.04 20.85 -21.80
N GLU B 164 -0.37 19.69 -21.24
CA GLU B 164 0.07 19.37 -19.88
C GLU B 164 0.46 17.90 -19.77
N ILE B 165 1.34 17.59 -18.82
CA ILE B 165 1.72 16.22 -18.59
C ILE B 165 0.62 15.47 -17.82
N THR B 166 0.20 14.33 -18.36
CA THR B 166 -0.92 13.58 -17.80
C THR B 166 -0.50 12.17 -17.39
N ALA B 167 0.72 11.76 -17.77
CA ALA B 167 1.21 10.41 -17.44
C ALA B 167 2.71 10.44 -17.29
N ILE B 168 3.23 9.70 -16.32
CA ILE B 168 4.67 9.67 -16.09
C ILE B 168 4.99 8.26 -15.65
N SER B 169 5.86 7.62 -16.41
CA SER B 169 6.29 6.27 -16.11
C SER B 169 7.25 6.27 -14.91
N PRO B 170 7.67 5.07 -14.43
CA PRO B 170 8.80 5.02 -13.51
C PRO B 170 10.06 5.46 -14.19
N THR B 171 11.02 5.92 -13.40
CA THR B 171 12.31 6.32 -13.92
C THR B 171 13.08 5.05 -14.21
N PHE B 172 13.76 5.03 -15.35
CA PHE B 172 14.66 3.92 -15.70
C PHE B 172 16.06 4.49 -15.90
N SER B 173 17.04 3.61 -16.10
CA SER B 173 18.40 4.02 -16.41
C SER B 173 19.17 2.94 -17.16
N THR B 174 20.03 3.42 -18.05
CA THR B 174 21.16 2.66 -18.56
C THR B 174 22.36 3.13 -17.76
N ASP B 175 23.55 2.68 -18.14
CA ASP B 175 24.71 3.12 -17.41
C ASP B 175 25.27 4.43 -17.97
N PHE B 176 24.56 5.07 -18.90
CA PHE B 176 24.98 6.37 -19.42
C PHE B 176 23.93 7.51 -19.24
N VAL B 177 22.67 7.16 -18.95
CA VAL B 177 21.66 8.21 -18.76
C VAL B 177 20.50 7.69 -17.91
N SER B 178 19.82 8.60 -17.19
CA SER B 178 18.54 8.22 -16.62
C SER B 178 17.43 8.80 -17.48
N TYR B 179 16.30 8.09 -17.54
CA TYR B 179 15.21 8.55 -18.39
C TYR B 179 13.85 8.09 -17.90
N ASP B 180 12.78 8.75 -18.33
CA ASP B 180 11.45 8.17 -18.17
C ASP B 180 10.60 8.45 -19.42
N PHE B 181 9.33 8.00 -19.41
CA PHE B 181 8.36 8.29 -20.49
C PHE B 181 7.24 9.13 -19.91
N VAL B 182 6.79 10.13 -20.67
CA VAL B 182 5.65 10.90 -20.23
C VAL B 182 4.68 11.04 -21.37
N ILE B 183 3.45 11.42 -21.04
CA ILE B 183 2.43 11.81 -22.02
C ILE B 183 2.03 13.25 -21.74
N TYR B 184 2.08 14.07 -22.78
CA TYR B 184 1.43 15.40 -22.76
C TYR B 184 0.14 15.29 -23.54
N GLU B 185 -0.93 15.92 -23.06
CA GLU B 185 -2.15 16.07 -23.85
C GLU B 185 -2.59 17.52 -23.88
N ARG B 186 -3.27 17.89 -24.95
CA ARG B 186 -3.89 19.19 -25.06
CA ARG B 186 -3.92 19.19 -25.06
C ARG B 186 -4.96 19.23 -23.97
N LYS B 187 -4.88 20.24 -23.11
CA LYS B 187 -5.83 20.43 -22.00
C LYS B 187 -7.32 20.43 -22.40
N ASP B 188 -7.68 21.21 -23.42
CA ASP B 188 -9.10 21.38 -23.81
C ASP B 188 -9.81 20.15 -24.42
N CYS B 189 -9.05 19.08 -24.68
CA CYS B 189 -9.64 17.80 -25.11
C CYS B 189 -9.13 16.59 -24.28
N LYS B 190 -8.44 16.86 -23.17
CA LYS B 190 -8.04 15.81 -22.23
C LYS B 190 -9.21 15.39 -21.34
N PRO B 196 -16.57 5.67 -11.97
CA PRO B 196 -16.78 5.38 -10.53
C PRO B 196 -18.16 4.73 -10.29
N PRO B 197 -18.30 3.41 -10.54
CA PRO B 197 -19.63 2.74 -10.49
C PRO B 197 -20.22 2.74 -9.09
N PHE B 198 -21.54 2.84 -8.99
CA PHE B 198 -22.18 3.07 -7.70
C PHE B 198 -21.85 2.03 -6.62
N ASP B 199 -21.79 0.75 -7.02
CA ASP B 199 -21.46 -0.32 -6.09
C ASP B 199 -20.16 -0.05 -5.38
N GLN B 200 -19.20 0.50 -6.11
CA GLN B 200 -17.93 0.85 -5.52
C GLN B 200 -18.12 1.86 -4.40
N LEU B 201 -19.10 2.76 -4.55
CA LEU B 201 -19.33 3.77 -3.53
C LEU B 201 -20.13 3.20 -2.36
N LEU B 202 -21.15 2.42 -2.68
CA LEU B 202 -22.02 1.84 -1.68
C LEU B 202 -21.31 0.83 -0.80
N MET B 203 -20.44 0.04 -1.42
CA MET B 203 -19.86 -1.14 -0.77
C MET B 203 -18.69 -0.80 0.12
N THR B 204 -18.37 0.47 0.26
CA THR B 204 -17.46 0.92 1.30
C THR B 204 -18.16 0.82 2.63
N GLY B 205 -19.49 0.84 2.59
CA GLY B 205 -20.30 0.97 3.81
C GLY B 205 -20.21 2.33 4.49
N THR B 206 -19.55 3.31 3.85
CA THR B 206 -19.42 4.69 4.40
C THR B 206 -20.16 5.71 3.52
N ASP B 207 -19.97 7.01 3.77
CA ASP B 207 -20.70 8.06 3.07
C ASP B 207 -20.55 7.97 1.54
N ILE B 208 -21.66 7.95 0.82
CA ILE B 208 -21.60 7.81 -0.64
C ILE B 208 -21.12 9.11 -1.32
N SER B 209 -21.36 10.23 -0.65
CA SER B 209 -20.84 11.54 -1.04
C SER B 209 -19.61 11.89 -0.20
N VAL B 210 -18.45 11.42 -0.66
CA VAL B 210 -17.20 11.73 0.03
C VAL B 210 -16.52 12.93 -0.69
N PRO B 211 -16.50 14.11 -0.02
CA PRO B 211 -15.90 15.31 -0.63
C PRO B 211 -14.42 15.05 -0.96
N LYS B 212 -13.99 15.44 -2.17
CA LYS B 212 -12.62 15.22 -2.60
C LYS B 212 -11.60 15.86 -1.61
N PRO B 213 -10.41 15.25 -1.48
CA PRO B 213 -9.45 15.83 -0.52
C PRO B 213 -9.05 17.28 -0.83
N LYS B 214 -8.74 18.03 0.20
CA LYS B 214 -8.38 19.42 0.05
C LYS B 214 -7.11 19.61 -0.77
N TYR B 215 -6.14 18.69 -0.62
CA TYR B 215 -4.85 18.79 -1.26
C TYR B 215 -4.63 17.56 -2.12
N VAL B 216 -4.24 17.80 -3.37
CA VAL B 216 -3.93 16.73 -4.32
C VAL B 216 -2.62 17.11 -5.02
N ALA B 217 -1.65 16.20 -4.97
CA ALA B 217 -0.39 16.41 -5.67
C ALA B 217 -0.60 16.29 -7.18
N CYS B 218 -0.11 17.25 -7.97
CA CYS B 218 -0.15 17.18 -9.45
C CYS B 218 -1.51 16.68 -10.01
N PRO B 219 -2.61 17.44 -9.78
CA PRO B 219 -3.97 16.93 -10.10
C PRO B 219 -4.13 16.46 -11.56
N GLY B 220 -3.44 17.15 -12.46
CA GLY B 220 -3.47 16.84 -13.89
C GLY B 220 -2.80 15.55 -14.33
N VAL B 221 -1.95 14.95 -13.46
CA VAL B 221 -1.26 13.70 -13.82
C VAL B 221 -2.12 12.46 -13.45
N ARG B 222 -2.67 11.82 -14.46
CA ARG B 222 -3.58 10.70 -14.22
C ARG B 222 -2.84 9.34 -14.12
N ILE B 223 -1.75 9.18 -14.82
CA ILE B 223 -0.97 7.93 -14.65
C ILE B 223 0.31 8.27 -13.89
N ARG B 224 0.39 7.77 -12.66
CA ARG B 224 1.29 8.28 -11.66
C ARG B 224 2.33 7.24 -11.22
N ASN B 225 3.16 6.82 -12.17
CA ASN B 225 4.09 5.70 -11.95
C ASN B 225 5.49 6.11 -11.47
N HIS B 226 5.80 7.40 -11.51
CA HIS B 226 7.05 7.90 -10.91
C HIS B 226 6.97 7.62 -9.39
N GLU B 227 7.99 6.93 -8.85
CA GLU B 227 8.06 6.68 -7.42
C GLU B 227 7.97 7.91 -6.55
N GLU B 228 8.32 9.10 -7.07
CA GLU B 228 8.14 10.34 -6.27
C GLU B 228 6.69 10.61 -5.87
N PHE B 229 5.75 10.11 -6.65
CA PHE B 229 4.33 10.33 -6.30
C PHE B 229 3.98 9.75 -4.93
N GLN B 230 4.73 8.75 -4.47
CA GLN B 230 4.46 8.16 -3.19
C GLN B 230 4.63 9.22 -2.12
N TYR B 231 5.73 9.96 -2.24
CA TYR B 231 6.08 10.99 -1.27
C TYR B 231 5.13 12.20 -1.40
N LEU B 232 4.87 12.62 -2.63
CA LEU B 232 3.93 13.70 -2.91
C LEU B 232 2.52 13.36 -2.41
N ASP B 233 2.10 12.09 -2.54
CA ASP B 233 0.76 11.68 -2.13
C ASP B 233 0.60 11.74 -0.63
N ILE B 234 1.63 11.26 0.05
CA ILE B 234 1.68 11.31 1.49
C ILE B 234 1.62 12.75 1.98
N LEU B 235 2.46 13.64 1.43
CA LEU B 235 2.29 15.08 1.71
C LEU B 235 0.85 15.55 1.56
N ALA B 236 0.26 15.31 0.39
CA ALA B 236 -1.15 15.67 0.15
C ALA B 236 -2.13 15.06 1.17
N ASP B 237 -1.84 13.85 1.61
CA ASP B 237 -2.71 13.13 2.52
C ASP B 237 -2.63 13.67 3.96
N VAL B 238 -1.44 14.04 4.41
CA VAL B 238 -1.29 14.62 5.75
C VAL B 238 -1.87 16.07 5.78
N LEU B 239 -1.66 16.83 4.72
CA LEU B 239 -2.29 18.14 4.60
C LEU B 239 -3.83 18.01 4.56
N SER B 240 -4.32 17.04 3.79
CA SER B 240 -5.77 16.81 3.69
C SER B 240 -6.41 16.28 4.95
N HIS B 241 -5.76 15.32 5.61
CA HIS B 241 -6.41 14.52 6.64
C HIS B 241 -5.65 14.44 7.97
N GLY B 242 -4.42 14.96 7.99
CA GLY B 242 -3.61 15.01 9.21
C GLY B 242 -4.27 15.78 10.36
N VAL B 243 -3.96 15.36 11.59
CA VAL B 243 -4.45 16.05 12.75
C VAL B 243 -3.33 16.93 13.30
N LEU B 244 -3.65 18.20 13.57
CA LEU B 244 -2.69 19.12 14.15
C LEU B 244 -2.43 18.74 15.61
N LYS B 245 -1.19 18.39 15.93
CA LYS B 245 -0.87 17.99 17.28
C LYS B 245 0.28 18.83 17.79
N PRO B 246 0.23 19.22 19.07
CA PRO B 246 1.46 19.74 19.66
C PRO B 246 2.50 18.60 19.73
N ASN B 247 3.76 18.95 19.90
CA ASN B 247 4.81 17.98 20.01
C ASN B 247 5.97 18.57 20.81
N ARG B 248 7.03 17.79 20.95
CA ARG B 248 8.18 18.17 21.79
C ARG B 248 8.85 19.47 21.33
N THR B 249 8.85 19.77 20.03
CA THR B 249 9.51 20.98 19.54
C THR B 249 8.82 22.27 19.95
N GLY B 250 7.51 22.21 20.24
CA GLY B 250 6.75 23.43 20.50
C GLY B 250 6.29 24.13 19.23
N THR B 251 6.66 23.60 18.07
CA THR B 251 6.04 23.97 16.81
C THR B 251 5.08 22.85 16.41
N ASP B 252 3.79 23.15 16.28
CA ASP B 252 2.77 22.14 16.02
C ASP B 252 2.98 21.50 14.65
N ALA B 253 2.47 20.30 14.46
CA ALA B 253 2.50 19.68 13.14
C ALA B 253 1.25 18.88 12.86
N TYR B 254 0.83 18.86 11.60
CA TYR B 254 -0.24 17.98 11.13
C TYR B 254 0.35 16.60 10.95
N SER B 255 -0.32 15.61 11.53
CA SER B 255 0.26 14.30 11.71
C SER B 255 -0.75 13.25 11.29
N LYS B 256 -0.24 12.18 10.67
CA LYS B 256 -1.03 10.99 10.38
C LYS B 256 -0.08 9.76 10.51
N PHE B 257 -0.65 8.57 10.71
CA PHE B 257 0.12 7.43 11.19
C PHE B 257 0.08 6.30 10.20
N GLY B 258 1.26 5.80 9.83
CA GLY B 258 1.34 4.55 9.07
C GLY B 258 1.34 4.73 7.55
N TYR B 259 2.52 4.65 6.94
CA TYR B 259 2.66 4.64 5.49
C TYR B 259 3.80 3.68 5.13
N GLN B 260 3.83 3.23 3.88
CA GLN B 260 4.92 2.41 3.38
C GLN B 260 5.26 2.82 1.94
N MET B 261 6.50 3.19 1.68
CA MET B 261 6.94 3.56 0.33
C MET B 261 7.95 2.54 -0.10
N ARG B 262 8.09 2.34 -1.41
CA ARG B 262 9.18 1.53 -1.90
C ARG B 262 9.82 2.09 -3.18
N PHE B 263 11.11 1.84 -3.32
CA PHE B 263 11.89 2.40 -4.39
C PHE B 263 12.72 1.27 -4.95
N ASP B 264 12.71 1.17 -6.29
CA ASP B 264 13.45 0.14 -7.00
C ASP B 264 14.84 0.71 -7.27
N LEU B 265 15.82 0.27 -6.50
CA LEU B 265 17.15 0.85 -6.57
C LEU B 265 17.96 0.36 -7.78
N SER B 266 17.48 -0.66 -8.47
CA SER B 266 18.15 -1.08 -9.72
C SER B 266 17.88 -0.12 -10.88
N ARG B 267 16.80 0.69 -10.76
CA ARG B 267 16.37 1.57 -11.81
C ARG B 267 16.84 3.00 -11.69
N SER B 268 16.80 3.53 -10.48
CA SER B 268 17.16 4.93 -10.28
C SER B 268 17.48 5.21 -8.83
N PHE B 269 17.94 6.44 -8.61
CA PHE B 269 18.23 6.93 -7.28
C PHE B 269 17.17 7.97 -6.82
N PRO B 270 16.43 7.63 -5.76
CA PRO B 270 15.24 8.39 -5.36
C PRO B 270 15.58 9.62 -4.58
N LEU B 271 16.28 10.54 -5.25
CA LEU B 271 16.58 11.88 -4.75
C LEU B 271 15.49 12.75 -5.28
N LEU B 272 14.70 13.28 -4.38
CA LEU B 272 13.53 14.04 -4.79
C LEU B 272 13.88 15.10 -5.83
N THR B 273 13.03 15.19 -6.84
CA THR B 273 13.22 16.17 -7.90
C THR B 273 12.29 17.38 -7.74
N THR B 274 11.27 17.28 -6.88
CA THR B 274 10.32 18.40 -6.75
C THR B 274 10.86 19.57 -5.91
N LYS B 275 12.06 19.42 -5.37
CA LYS B 275 12.79 20.53 -4.84
C LYS B 275 14.27 20.12 -4.95
N LYS B 276 15.18 21.08 -4.92
CA LYS B 276 16.58 20.72 -4.98
C LYS B 276 17.04 20.24 -3.62
N VAL B 277 17.38 18.96 -3.54
CA VAL B 277 17.74 18.39 -2.24
C VAL B 277 19.26 18.50 -2.03
N ALA B 278 19.66 18.86 -0.81
CA ALA B 278 21.08 19.01 -0.46
C ALA B 278 21.78 17.65 -0.35
N LEU B 279 22.07 17.03 -1.48
CA LEU B 279 22.71 15.71 -1.53
C LEU B 279 24.04 15.61 -0.75
N ARG B 280 24.92 16.60 -0.93
CA ARG B 280 26.20 16.66 -0.18
C ARG B 280 26.02 16.44 1.33
N SER B 281 24.99 17.07 1.91
CA SER B 281 24.69 16.95 3.34
C SER B 281 24.25 15.54 3.72
N ILE B 282 23.42 14.93 2.87
CA ILE B 282 22.99 13.54 3.07
C ILE B 282 24.18 12.58 3.07
N ILE B 283 25.10 12.77 2.11
CA ILE B 283 26.24 11.86 1.99
C ILE B 283 27.21 11.99 3.17
N GLU B 284 27.44 13.23 3.63
CA GLU B 284 28.33 13.42 4.74
C GLU B 284 27.69 12.87 5.99
N GLU B 285 26.37 12.98 6.10
CA GLU B 285 25.69 12.43 7.25
C GLU B 285 25.84 10.91 7.28
N LEU B 286 25.68 10.26 6.14
CA LEU B 286 25.78 8.79 6.08
C LEU B 286 27.20 8.31 6.43
N LEU B 287 28.21 8.98 5.87
CA LEU B 287 29.60 8.59 6.09
C LEU B 287 29.92 8.76 7.57
N TRP B 288 29.30 9.78 8.17
CA TRP B 288 29.37 10.07 9.62
C TRP B 288 28.75 8.93 10.41
N PHE B 289 27.57 8.46 10.00
CA PHE B 289 26.96 7.27 10.64
C PHE B 289 27.87 6.06 10.53
N ILE B 290 28.37 5.79 9.33
CA ILE B 290 29.21 4.61 9.08
C ILE B 290 30.47 4.55 9.95
N LYS B 291 31.15 5.68 10.14
CA LYS B 291 32.41 5.65 10.88
C LYS B 291 32.12 5.69 12.37
N GLY B 292 30.84 5.78 12.72
CA GLY B 292 30.42 5.59 14.10
C GLY B 292 30.46 6.85 14.93
N SER B 293 30.55 8.00 14.27
CA SER B 293 30.70 9.26 15.01
C SER B 293 29.41 9.76 15.67
N THR B 294 29.57 10.39 16.82
CA THR B 294 28.45 11.05 17.52
C THR B 294 28.85 12.49 17.89
N ASN B 295 29.90 12.96 17.23
CA ASN B 295 30.44 14.31 17.43
C ASN B 295 29.89 15.18 16.32
N GLY B 296 28.96 16.07 16.65
CA GLY B 296 28.36 16.97 15.67
C GLY B 296 29.34 17.94 14.99
N ASN B 297 30.49 18.15 15.61
CA ASN B 297 31.52 19.02 15.05
C ASN B 297 32.10 18.41 13.79
N ASP B 298 32.03 17.06 13.68
CA ASP B 298 32.54 16.33 12.51
C ASP B 298 31.74 16.72 11.30
N LEU B 299 30.48 17.06 11.51
CA LEU B 299 29.61 17.48 10.40
C LEU B 299 29.77 18.96 10.16
N LEU B 300 29.78 19.74 11.23
CA LEU B 300 29.99 21.17 11.07
C LEU B 300 31.26 21.46 10.31
N ALA B 301 32.34 20.73 10.64
CA ALA B 301 33.64 20.92 10.01
C ALA B 301 33.57 20.72 8.50
N LYS B 302 32.57 19.95 8.05
CA LYS B 302 32.39 19.70 6.63
C LYS B 302 31.28 20.56 6.01
N ASN B 303 30.97 21.68 6.69
CA ASN B 303 29.96 22.58 6.21
C ASN B 303 28.59 21.88 6.05
N VAL B 304 28.29 20.93 6.94
CA VAL B 304 26.96 20.34 7.05
C VAL B 304 26.31 20.65 8.42
N ARG B 305 25.17 21.33 8.39
CA ARG B 305 24.63 21.96 9.61
C ARG B 305 23.31 21.32 10.09
N ILE B 306 22.95 20.20 9.48
CA ILE B 306 21.67 19.56 9.79
C ILE B 306 21.50 19.07 11.24
N TRP B 307 22.61 18.73 11.89
CA TRP B 307 22.60 18.27 13.28
C TRP B 307 22.97 19.38 14.29
N GLU B 308 23.22 20.59 13.81
CA GLU B 308 23.65 21.68 14.68
C GLU B 308 22.67 22.02 15.80
N LEU B 309 21.39 22.11 15.47
CA LEU B 309 20.37 22.57 16.40
C LEU B 309 20.11 21.61 17.57
N ASN B 310 20.11 20.31 17.31
CA ASN B 310 19.95 19.33 18.41
C ASN B 310 21.25 19.06 19.24
N GLY B 311 22.35 19.73 18.91
CA GLY B 311 23.57 19.65 19.73
C GLY B 311 23.92 20.99 20.35
N ARG B 312 23.13 22.01 20.07
CA ARG B 312 23.42 23.32 20.62
C ARG B 312 23.26 23.34 22.16
N ARG B 313 24.01 24.24 22.80
CA ARG B 313 24.03 24.40 24.26
C ARG B 313 22.63 24.51 24.87
N ASP B 314 21.81 25.41 24.34
CA ASP B 314 20.44 25.61 24.84
C ASP B 314 19.51 24.42 24.68
N PHE B 315 19.71 23.65 23.61
CA PHE B 315 18.92 22.45 23.40
C PHE B 315 19.29 21.36 24.41
N LEU B 316 20.59 21.11 24.54
CA LEU B 316 21.11 20.20 25.55
C LEU B 316 20.64 20.58 26.98
N ASP B 317 20.84 21.83 27.37
CA ASP B 317 20.43 22.31 28.69
C ASP B 317 18.91 22.19 28.93
N LYS B 318 18.12 22.54 27.90
CA LYS B 318 16.66 22.44 27.93
C LYS B 318 16.24 21.01 28.27
N ASN B 319 17.03 20.04 27.79
CA ASN B 319 16.70 18.64 27.98
C ASN B 319 17.47 17.93 29.11
N GLY B 320 18.04 18.70 30.05
CA GLY B 320 18.76 18.11 31.17
C GLY B 320 20.22 17.73 30.95
N PHE B 321 20.74 17.97 29.75
CA PHE B 321 22.09 17.58 29.41
C PHE B 321 23.10 18.68 29.71
N THR B 322 23.11 19.11 30.97
CA THR B 322 23.93 20.27 31.38
C THR B 322 25.44 19.97 31.50
N ASP B 323 25.81 18.70 31.50
CA ASP B 323 27.24 18.33 31.55
C ASP B 323 27.76 17.83 30.22
N ARG B 324 26.91 17.93 29.22
CA ARG B 324 27.24 17.50 27.89
C ARG B 324 27.93 18.64 27.15
N GLU B 325 29.10 18.33 26.61
CA GLU B 325 29.76 19.21 25.67
C GLU B 325 28.81 19.52 24.51
N GLU B 326 28.84 20.78 24.06
CA GLU B 326 28.05 21.18 22.89
C GLU B 326 28.38 20.25 21.69
N HIS B 327 27.34 19.81 20.99
CA HIS B 327 27.47 18.89 19.83
C HIS B 327 27.90 17.45 20.18
N ASP B 328 27.95 17.13 21.46
CA ASP B 328 28.03 15.73 21.86
C ASP B 328 26.60 15.25 21.89
N LEU B 329 26.17 14.57 20.82
CA LEU B 329 24.78 14.14 20.66
C LEU B 329 24.44 12.88 21.46
N GLY B 330 25.44 12.28 22.09
CA GLY B 330 25.19 11.10 22.89
C GLY B 330 25.23 9.89 22.00
N PRO B 331 24.86 8.72 22.56
CA PRO B 331 25.05 7.46 21.85
C PRO B 331 23.95 7.23 20.80
N ILE B 332 23.92 8.07 19.77
CA ILE B 332 22.90 7.94 18.76
C ILE B 332 23.41 7.02 17.66
N TYR B 333 22.96 7.24 16.42
CA TYR B 333 23.14 6.27 15.34
C TYR B 333 24.54 5.66 15.22
N GLY B 334 25.54 6.49 14.92
CA GLY B 334 26.89 6.01 14.78
C GLY B 334 27.32 5.11 15.90
N PHE B 335 27.09 5.51 17.14
CA PHE B 335 27.50 4.68 18.28
C PHE B 335 26.78 3.32 18.30
N GLN B 336 25.48 3.34 18.06
CA GLN B 336 24.71 2.08 18.08
C GLN B 336 25.05 1.16 16.91
N TRP B 337 25.29 1.73 15.71
CA TRP B 337 25.66 0.91 14.55
C TRP B 337 26.95 0.13 14.79
N ARG B 338 27.91 0.74 15.50
CA ARG B 338 29.26 0.16 15.66
C ARG B 338 29.63 -0.37 17.06
N HIS B 339 28.91 0.10 18.10
CA HIS B 339 29.27 -0.20 19.48
C HIS B 339 28.05 -0.45 20.37
N PHE B 340 26.95 -0.99 19.82
CA PHE B 340 25.74 -1.28 20.64
C PHE B 340 26.14 -2.03 21.90
N GLY B 341 25.76 -1.52 23.07
CA GLY B 341 25.96 -2.21 24.32
C GLY B 341 27.16 -1.73 25.12
N ALA B 342 28.10 -1.09 24.44
CA ALA B 342 29.22 -0.41 25.08
C ALA B 342 28.73 0.76 25.94
N GLU B 343 29.50 1.10 26.98
CA GLU B 343 29.13 2.18 27.86
C GLU B 343 29.56 3.52 27.26
N TYR B 344 28.58 4.39 27.01
CA TYR B 344 28.84 5.70 26.47
C TYR B 344 29.38 6.61 27.53
N LEU B 345 30.56 7.17 27.24
CA LEU B 345 31.18 8.11 28.14
C LEU B 345 30.94 9.50 27.57
N ASP B 346 31.73 9.87 26.58
CA ASP B 346 31.45 11.05 25.75
C ASP B 346 31.97 10.81 24.35
N MET B 347 31.80 11.80 23.49
CA MET B 347 32.10 11.70 22.07
C MET B 347 33.58 11.67 21.74
N HIS B 348 34.45 11.71 22.74
CA HIS B 348 35.90 11.64 22.54
C HIS B 348 36.46 10.27 22.95
N ALA B 349 35.65 9.46 23.62
CA ALA B 349 36.19 8.23 24.17
C ALA B 349 36.55 7.23 23.09
N ASP B 350 37.54 6.38 23.37
CA ASP B 350 37.90 5.28 22.51
C ASP B 350 36.94 4.12 22.81
N TYR B 351 36.09 3.76 21.84
CA TYR B 351 35.19 2.63 21.96
C TYR B 351 35.65 1.40 21.15
N THR B 352 36.89 1.44 20.67
CA THR B 352 37.48 0.37 19.84
C THR B 352 37.31 -0.98 20.52
N GLY B 353 36.75 -1.94 19.77
CA GLY B 353 36.52 -3.29 20.29
C GLY B 353 35.56 -3.33 21.48
N LYS B 354 34.76 -2.29 21.64
CA LYS B 354 33.78 -2.28 22.72
C LYS B 354 32.37 -2.32 22.13
N GLY B 355 31.49 -3.13 22.72
CA GLY B 355 30.12 -3.29 22.25
C GLY B 355 30.06 -4.12 20.98
N ILE B 356 28.90 -4.12 20.33
CA ILE B 356 28.65 -5.02 19.21
C ILE B 356 28.63 -4.20 17.91
N ASP B 357 29.43 -4.62 16.94
CA ASP B 357 29.50 -3.92 15.69
C ASP B 357 28.45 -4.44 14.74
N GLN B 358 27.23 -3.95 14.91
CA GLN B 358 26.11 -4.45 14.12
C GLN B 358 26.38 -4.30 12.62
N LEU B 359 26.87 -3.14 12.20
CA LEU B 359 27.12 -2.87 10.78
C LEU B 359 28.05 -3.93 10.17
N ALA B 360 29.20 -4.18 10.82
CA ALA B 360 30.15 -5.22 10.38
C ALA B 360 29.55 -6.61 10.43
N GLU B 361 28.89 -6.91 11.55
CA GLU B 361 28.24 -8.19 11.75
C GLU B 361 27.28 -8.54 10.62
N ILE B 362 26.41 -7.58 10.29
CA ILE B 362 25.36 -7.81 9.34
C ILE B 362 25.87 -7.89 7.88
N ILE B 363 26.82 -7.02 7.52
CA ILE B 363 27.48 -7.17 6.23
C ILE B 363 28.15 -8.55 6.08
N ASN B 364 28.85 -9.01 7.12
CA ASN B 364 29.50 -10.31 7.01
C ASN B 364 28.45 -11.42 6.88
N ARG B 365 27.33 -11.26 7.61
CA ARG B 365 26.28 -12.27 7.57
C ARG B 365 25.57 -12.30 6.22
N ILE B 366 25.37 -11.15 5.60
CA ILE B 366 24.83 -11.10 4.24
C ILE B 366 25.70 -11.97 3.29
N LYS B 367 27.03 -11.86 3.43
CA LYS B 367 27.93 -12.69 2.62
C LYS B 367 27.84 -14.17 2.93
N THR B 368 27.90 -14.53 4.22
CA THR B 368 28.03 -15.93 4.64
C THR B 368 26.71 -16.71 4.78
N ASN B 369 25.61 -16.01 5.04
CA ASN B 369 24.30 -16.61 5.30
C ASN B 369 23.20 -15.66 4.78
N PRO B 370 23.12 -15.47 3.44
CA PRO B 370 22.16 -14.50 2.86
C PRO B 370 20.69 -14.75 3.22
N ASN B 371 20.35 -16.01 3.47
CA ASN B 371 18.99 -16.39 3.79
C ASN B 371 18.61 -16.27 5.26
N ASP B 372 19.48 -15.66 6.06
CA ASP B 372 19.21 -15.41 7.46
C ASP B 372 18.09 -14.37 7.55
N ARG B 373 17.20 -14.55 8.51
CA ARG B 373 16.06 -13.68 8.65
C ARG B 373 16.22 -12.66 9.78
N ARG B 374 17.46 -12.50 10.24
CA ARG B 374 17.76 -11.55 11.34
C ARG B 374 18.80 -10.45 10.96
N LEU B 375 18.79 -10.04 9.70
CA LEU B 375 19.79 -9.10 9.14
C LEU B 375 19.40 -7.67 9.51
N ILE B 376 19.46 -7.38 10.80
CA ILE B 376 18.94 -6.18 11.39
C ILE B 376 20.04 -5.32 12.03
N VAL B 377 19.95 -4.03 11.85
CA VAL B 377 20.78 -3.06 12.59
C VAL B 377 19.79 -2.19 13.35
N CYS B 378 19.90 -2.20 14.69
CA CYS B 378 18.91 -1.58 15.56
C CYS B 378 19.52 -0.46 16.38
N SER B 379 18.97 0.74 16.25
CA SER B 379 19.55 1.88 16.97
C SER B 379 18.69 2.24 18.19
N TRP B 380 17.53 1.59 18.33
CA TRP B 380 16.69 1.79 19.50
C TRP B 380 17.21 0.96 20.66
N ASN B 381 18.35 1.40 21.19
CA ASN B 381 18.97 0.82 22.36
C ASN B 381 18.30 1.42 23.58
N VAL B 382 17.31 0.71 24.11
CA VAL B 382 16.43 1.22 25.19
C VAL B 382 17.22 1.68 26.43
N SER B 383 18.29 0.94 26.77
CA SER B 383 19.19 1.34 27.83
C SER B 383 19.89 2.66 27.56
N ASP B 384 20.04 3.06 26.29
CA ASP B 384 20.79 4.30 26.05
C ASP B 384 19.92 5.52 25.79
N LEU B 385 18.61 5.31 25.73
CA LEU B 385 17.70 6.37 25.32
C LEU B 385 17.89 7.64 26.15
N LYS B 386 18.00 7.49 27.45
CA LYS B 386 18.11 8.65 28.33
C LYS B 386 19.38 9.49 28.14
N LYS B 387 20.40 8.93 27.50
CA LYS B 387 21.66 9.64 27.19
C LYS B 387 21.63 10.36 25.85
N MET B 388 20.57 10.19 25.07
CA MET B 388 20.59 10.65 23.69
C MET B 388 20.02 12.04 23.53
N ALA B 389 20.70 12.87 22.72
CA ALA B 389 20.22 14.23 22.46
C ALA B 389 18.88 14.16 21.73
N LEU B 390 18.75 13.14 20.88
CA LEU B 390 17.57 12.89 20.10
C LEU B 390 17.59 11.41 19.72
N PRO B 391 16.70 10.61 20.32
CA PRO B 391 16.59 9.20 20.04
C PRO B 391 16.41 9.00 18.54
N PRO B 392 16.98 7.93 17.98
CA PRO B 392 16.96 7.75 16.54
C PRO B 392 15.54 7.83 15.98
N CYS B 393 15.36 8.58 14.89
CA CYS B 393 14.09 8.56 14.16
C CYS B 393 14.01 7.35 13.23
N HIS B 394 15.01 7.17 12.37
CA HIS B 394 15.15 5.92 11.66
C HIS B 394 15.81 4.94 12.64
N CYS B 395 14.99 4.16 13.34
CA CYS B 395 15.55 3.47 14.49
C CYS B 395 15.90 1.99 14.28
N PHE B 396 15.59 1.44 13.10
CA PHE B 396 15.68 0.01 12.89
C PHE B 396 15.68 -0.20 11.38
N PHE B 397 16.64 -0.96 10.85
CA PHE B 397 16.54 -1.44 9.45
C PHE B 397 16.97 -2.89 9.28
N GLN B 398 16.46 -3.50 8.23
CA GLN B 398 16.62 -4.92 8.03
C GLN B 398 16.92 -5.16 6.57
N PHE B 399 17.94 -5.94 6.30
CA PHE B 399 18.24 -6.36 4.93
C PHE B 399 17.59 -7.70 4.54
N TYR B 400 17.58 -7.94 3.23
CA TYR B 400 16.94 -9.11 2.64
C TYR B 400 17.57 -9.42 1.29
N VAL B 401 17.82 -10.70 1.04
CA VAL B 401 18.44 -11.12 -0.20
C VAL B 401 17.53 -12.12 -0.88
N SER B 402 17.24 -11.87 -2.14
CA SER B 402 16.67 -12.94 -2.97
C SER B 402 17.11 -12.65 -4.36
N ASP B 403 17.37 -13.72 -5.12
CA ASP B 403 17.79 -13.65 -6.52
C ASP B 403 18.96 -12.72 -6.72
N ASN B 404 19.90 -12.78 -5.78
CA ASN B 404 21.17 -12.09 -5.91
C ASN B 404 20.99 -10.56 -5.91
N LYS B 405 19.93 -10.09 -5.24
CA LYS B 405 19.58 -8.68 -5.07
C LYS B 405 19.33 -8.34 -3.60
N LEU B 406 19.96 -7.29 -3.11
CA LEU B 406 19.76 -6.80 -1.74
C LEU B 406 18.59 -5.80 -1.68
N SER B 407 17.70 -6.00 -0.71
CA SER B 407 16.69 -5.01 -0.37
C SER B 407 16.90 -4.59 1.09
N CYS B 408 16.26 -3.49 1.51
CA CYS B 408 16.34 -3.00 2.87
C CYS B 408 14.98 -2.42 3.29
N MET B 409 14.57 -2.71 4.52
CA MET B 409 13.38 -2.06 5.09
C MET B 409 13.81 -1.25 6.30
N MET B 410 13.34 -0.01 6.39
CA MET B 410 13.70 0.83 7.55
C MET B 410 12.43 1.29 8.25
N HIS B 411 12.47 1.30 9.58
CA HIS B 411 11.30 1.77 10.35
C HIS B 411 11.62 3.18 10.88
N GLN B 412 10.78 4.16 10.52
CA GLN B 412 11.00 5.54 10.95
C GLN B 412 9.89 5.97 11.92
N ARG B 413 10.22 6.07 13.19
CA ARG B 413 9.19 6.34 14.20
C ARG B 413 8.52 7.72 14.07
N SER B 414 9.21 8.66 13.48
CA SER B 414 8.82 10.05 13.56
C SER B 414 9.46 10.65 12.32
N CYS B 415 8.63 11.25 11.47
CA CYS B 415 9.03 11.54 10.10
C CYS B 415 8.67 12.96 9.76
N ASP B 416 9.67 13.84 9.76
CA ASP B 416 9.48 15.24 9.37
C ASP B 416 9.44 15.26 7.84
N LEU B 417 8.22 15.28 7.28
CA LEU B 417 8.00 15.09 5.85
C LEU B 417 8.69 16.15 5.01
N GLY B 418 8.69 17.41 5.48
CA GLY B 418 9.31 18.50 4.75
C GLY B 418 10.81 18.39 4.71
N LEU B 419 11.42 18.16 5.88
CA LEU B 419 12.88 18.20 5.98
C LEU B 419 13.63 16.87 5.99
N GLY B 420 13.29 15.98 6.92
CA GLY B 420 14.06 14.75 7.10
C GLY B 420 13.76 13.58 6.19
N VAL B 421 12.46 13.35 5.92
CA VAL B 421 12.08 12.28 5.05
C VAL B 421 12.83 12.25 3.69
N PRO B 422 12.94 13.38 3.00
CA PRO B 422 13.71 13.35 1.74
C PRO B 422 15.19 12.92 1.93
N PHE B 423 15.78 13.34 3.04
CA PHE B 423 17.13 12.91 3.46
C PHE B 423 17.16 11.40 3.72
N ASN B 424 16.28 10.95 4.62
CA ASN B 424 16.10 9.52 4.93
C ASN B 424 15.97 8.60 3.70
N ILE B 425 15.10 8.96 2.75
CA ILE B 425 14.93 8.14 1.56
C ILE B 425 16.24 7.99 0.81
N ALA B 426 16.91 9.11 0.56
CA ALA B 426 18.14 9.09 -0.22
C ALA B 426 19.26 8.38 0.57
N SER B 427 19.33 8.62 1.89
CA SER B 427 20.40 8.04 2.77
C SER B 427 20.38 6.50 2.76
N TYR B 428 19.19 5.92 2.92
CA TYR B 428 19.07 4.47 2.99
C TYR B 428 19.24 3.82 1.64
N SER B 429 18.90 4.54 0.60
CA SER B 429 19.15 4.07 -0.76
C SER B 429 20.66 3.91 -1.04
N ILE B 430 21.45 4.89 -0.59
CA ILE B 430 22.91 4.84 -0.70
C ILE B 430 23.53 3.72 0.13
N LEU B 431 23.09 3.61 1.39
CA LEU B 431 23.54 2.57 2.29
C LEU B 431 23.28 1.19 1.68
N THR B 432 22.08 0.97 1.14
CA THR B 432 21.76 -0.31 0.50
C THR B 432 22.70 -0.53 -0.69
N ALA B 433 22.91 0.51 -1.49
CA ALA B 433 23.81 0.33 -2.64
C ALA B 433 25.24 -0.03 -2.20
N MET B 434 25.67 0.56 -1.09
CA MET B 434 27.00 0.31 -0.56
C MET B 434 27.09 -1.12 -0.09
N VAL B 435 26.10 -1.51 0.72
CA VAL B 435 26.05 -2.86 1.21
C VAL B 435 25.96 -3.86 0.07
N ALA B 436 25.14 -3.59 -0.93
CA ALA B 436 25.06 -4.48 -2.11
C ALA B 436 26.42 -4.64 -2.78
N GLN B 437 27.12 -3.52 -2.92
CA GLN B 437 28.41 -3.59 -3.63
C GLN B 437 29.48 -4.41 -2.85
N VAL B 438 29.60 -4.20 -1.55
CA VAL B 438 30.65 -4.92 -0.82
C VAL B 438 30.32 -6.41 -0.71
N CYS B 439 29.03 -6.75 -0.91
CA CYS B 439 28.60 -8.16 -0.90
C CYS B 439 28.44 -8.80 -2.27
N GLY B 440 28.85 -8.11 -3.33
CA GLY B 440 28.75 -8.61 -4.69
C GLY B 440 27.30 -8.82 -5.12
N LEU B 441 26.37 -8.07 -4.55
CA LEU B 441 24.96 -8.30 -4.84
C LEU B 441 24.44 -7.27 -5.82
N GLY B 442 23.41 -7.64 -6.57
CA GLY B 442 22.61 -6.66 -7.30
C GLY B 442 21.71 -5.85 -6.36
N LEU B 443 20.91 -4.94 -6.94
CA LEU B 443 20.04 -4.03 -6.19
C LEU B 443 18.55 -4.39 -6.29
N GLY B 444 17.93 -4.54 -5.13
CA GLY B 444 16.50 -4.74 -5.03
C GLY B 444 15.81 -3.44 -4.66
N GLU B 445 15.09 -3.46 -3.56
CA GLU B 445 14.24 -2.33 -3.20
C GLU B 445 14.59 -1.75 -1.83
N PHE B 446 14.32 -0.46 -1.67
CA PHE B 446 14.31 0.15 -0.35
C PHE B 446 12.83 0.35 0.02
N VAL B 447 12.46 -0.18 1.18
CA VAL B 447 11.11 -0.14 1.70
C VAL B 447 11.13 0.67 2.97
N HIS B 448 10.38 1.77 2.97
CA HIS B 448 10.41 2.80 3.97
C HIS B 448 9.08 2.86 4.69
N ASN B 449 9.07 2.46 5.96
CA ASN B 449 7.87 2.55 6.77
C ASN B 449 7.83 3.86 7.56
N LEU B 450 6.75 4.61 7.44
CA LEU B 450 6.56 5.84 8.21
C LEU B 450 5.57 5.53 9.34
N ALA B 451 5.95 5.78 10.57
CA ALA B 451 4.96 5.71 11.63
C ALA B 451 4.32 7.09 11.81
N ASP B 452 4.86 7.94 12.68
CA ASP B 452 4.22 9.24 12.93
C ASP B 452 4.72 10.18 11.82
N ALA B 453 3.89 10.39 10.79
CA ALA B 453 4.26 11.24 9.66
C ALA B 453 3.56 12.60 9.77
N HIS B 454 4.36 13.66 9.77
CA HIS B 454 3.85 14.99 10.05
C HIS B 454 4.51 16.09 9.23
N ILE B 455 3.77 17.18 9.13
CA ILE B 455 4.20 18.40 8.46
C ILE B 455 4.07 19.55 9.43
N TYR B 456 5.20 20.16 9.79
CA TYR B 456 5.20 21.31 10.72
C TYR B 456 4.42 22.47 10.14
N VAL B 457 3.78 23.26 11.01
CA VAL B 457 2.89 24.31 10.54
C VAL B 457 3.62 25.27 9.61
N ASP B 458 4.90 25.50 9.88
CA ASP B 458 5.64 26.52 9.14
C ASP B 458 6.18 25.96 7.82
N HIS B 459 5.83 24.72 7.49
CA HIS B 459 6.20 24.08 6.23
C HIS B 459 5.01 23.94 5.25
N VAL B 460 3.81 24.30 5.72
CA VAL B 460 2.61 24.15 4.93
C VAL B 460 2.69 24.84 3.56
N ASP B 461 3.05 26.13 3.53
CA ASP B 461 3.20 26.84 2.26
C ASP B 461 4.29 26.20 1.35
N ALA B 462 5.46 25.94 1.93
CA ALA B 462 6.49 25.12 1.26
C ALA B 462 5.92 23.86 0.58
N VAL B 463 5.31 22.95 1.34
CA VAL B 463 4.88 21.69 0.74
C VAL B 463 3.68 21.82 -0.21
N THR B 464 2.83 22.83 0.01
CA THR B 464 1.72 23.12 -0.89
C THR B 464 2.29 23.47 -2.25
N THR B 465 3.25 24.39 -2.28
CA THR B 465 3.98 24.71 -3.49
C THR B 465 4.60 23.45 -4.10
N GLN B 466 5.24 22.62 -3.28
CA GLN B 466 6.01 21.48 -3.78
C GLN B 466 5.18 20.43 -4.52
N ILE B 467 4.04 20.06 -3.95
CA ILE B 467 3.17 19.00 -4.51
C ILE B 467 2.48 19.41 -5.83
N ALA B 468 2.54 20.69 -6.20
CA ALA B 468 2.05 21.14 -7.50
C ALA B 468 3.10 20.95 -8.61
N ARG B 469 4.35 20.66 -8.23
CA ARG B 469 5.47 20.50 -9.16
C ARG B 469 5.51 19.12 -9.80
N ILE B 470 5.61 19.07 -11.13
CA ILE B 470 5.77 17.82 -11.86
C ILE B 470 7.16 17.23 -11.62
N PRO B 471 7.25 15.97 -11.15
CA PRO B 471 8.54 15.32 -10.98
C PRO B 471 9.31 15.18 -12.29
N HIS B 472 10.63 15.35 -12.21
CA HIS B 472 11.56 15.02 -13.27
C HIS B 472 11.94 13.54 -13.11
N PRO B 473 12.51 12.93 -14.15
CA PRO B 473 13.02 11.58 -13.91
C PRO B 473 14.02 11.61 -12.74
N PHE B 474 13.98 10.61 -11.88
CA PHE B 474 14.98 10.51 -10.82
C PHE B 474 16.37 10.44 -11.46
N PRO B 475 17.42 10.77 -10.66
CA PRO B 475 18.81 10.60 -11.09
C PRO B 475 19.25 9.15 -10.94
N ARG B 476 20.52 8.86 -11.22
CA ARG B 476 21.05 7.52 -10.99
C ARG B 476 22.31 7.62 -10.14
N LEU B 477 22.63 6.49 -9.48
CA LEU B 477 23.77 6.43 -8.57
C LEU B 477 24.89 5.56 -9.12
N ARG B 478 26.13 6.03 -9.02
CA ARG B 478 27.29 5.20 -9.31
CA ARG B 478 27.27 5.16 -9.29
C ARG B 478 28.26 5.22 -8.15
N LEU B 479 28.57 4.05 -7.62
CA LEU B 479 29.61 3.96 -6.61
C LEU B 479 30.85 3.55 -7.34
N ASN B 480 32.00 4.03 -6.86
CA ASN B 480 33.29 3.59 -7.31
C ASN B 480 33.37 2.07 -7.14
N PRO B 481 33.44 1.31 -8.26
CA PRO B 481 33.34 -0.16 -8.22
C PRO B 481 34.50 -0.84 -7.47
N ASP B 482 35.58 -0.10 -7.25
CA ASP B 482 36.80 -0.59 -6.59
C ASP B 482 36.72 -0.69 -5.07
N ILE B 483 35.78 0.03 -4.45
CA ILE B 483 35.67 0.04 -3.00
C ILE B 483 35.14 -1.32 -2.52
N ARG B 484 35.91 -1.97 -1.63
CA ARG B 484 35.68 -3.37 -1.21
C ARG B 484 35.11 -3.50 0.19
N ASN B 485 35.14 -2.39 0.94
CA ASN B 485 34.75 -2.32 2.34
C ASN B 485 33.97 -1.03 2.57
N ILE B 486 32.83 -1.15 3.28
CA ILE B 486 31.95 -0.01 3.56
C ILE B 486 32.65 1.17 4.27
N GLU B 487 33.66 0.85 5.07
CA GLU B 487 34.44 1.88 5.76
C GLU B 487 35.33 2.67 4.82
N ASP B 488 35.58 2.15 3.61
CA ASP B 488 36.41 2.89 2.65
C ASP B 488 35.70 3.96 1.79
N PHE B 489 34.38 3.93 1.67
CA PHE B 489 33.70 4.94 0.83
C PHE B 489 34.03 6.37 1.30
N THR B 490 34.47 7.23 0.38
CA THR B 490 34.57 8.66 0.65
C THR B 490 33.50 9.36 -0.18
N ILE B 491 33.33 10.66 0.02
CA ILE B 491 32.31 11.41 -0.74
C ILE B 491 32.53 11.38 -2.26
N ASP B 492 33.79 11.32 -2.69
CA ASP B 492 34.13 11.17 -4.12
C ASP B 492 33.85 9.78 -4.65
N ASP B 493 33.58 8.82 -3.77
CA ASP B 493 33.17 7.48 -4.23
C ASP B 493 31.68 7.31 -4.54
N ILE B 494 30.91 8.36 -4.33
CA ILE B 494 29.45 8.29 -4.31
C ILE B 494 28.93 9.39 -5.24
N VAL B 495 28.58 9.00 -6.45
CA VAL B 495 28.30 9.97 -7.49
C VAL B 495 26.88 9.78 -7.97
N VAL B 496 26.10 10.84 -7.84
CA VAL B 496 24.76 10.94 -8.36
C VAL B 496 24.84 11.63 -9.72
N GLU B 497 24.41 10.93 -10.76
CA GLU B 497 24.46 11.47 -12.11
C GLU B 497 23.07 11.88 -12.56
N ASP B 498 23.00 12.86 -13.47
CA ASP B 498 21.77 13.20 -14.16
C ASP B 498 20.65 13.66 -13.22
N TYR B 499 21.03 14.40 -12.17
CA TYR B 499 20.03 15.00 -11.29
C TYR B 499 19.45 16.28 -11.90
N VAL B 500 18.19 16.20 -12.29
CA VAL B 500 17.39 17.36 -12.72
C VAL B 500 16.35 17.62 -11.63
N SER B 501 16.26 18.86 -11.15
CA SER B 501 15.30 19.19 -10.09
C SER B 501 14.76 20.59 -10.27
N HIS B 502 13.61 20.82 -9.62
CA HIS B 502 12.99 22.11 -9.42
C HIS B 502 13.83 22.90 -8.38
N PRO B 503 13.50 24.20 -8.17
CA PRO B 503 14.30 25.03 -7.25
C PRO B 503 14.22 24.55 -5.79
N PRO B 504 15.27 24.82 -5.00
CA PRO B 504 15.21 24.54 -3.57
C PRO B 504 14.01 25.23 -2.95
N ILE B 505 13.51 24.64 -1.86
CA ILE B 505 12.40 25.23 -1.10
C ILE B 505 12.84 25.33 0.35
N PRO B 506 13.09 26.56 0.82
CA PRO B 506 13.54 26.76 2.18
C PRO B 506 12.51 26.32 3.20
N MET B 507 12.98 25.61 4.22
CA MET B 507 12.16 25.18 5.34
C MET B 507 13.04 25.15 6.57
N ALA B 508 12.53 25.71 7.65
CA ALA B 508 13.32 25.78 8.88
C ALA B 508 13.05 24.56 9.74
N MET B 509 14.10 24.10 10.44
CA MET B 509 14.03 22.92 11.28
C MET B 509 13.55 23.30 12.66
N SER B 510 12.58 22.57 13.19
CA SER B 510 12.15 22.75 14.59
C SER B 510 12.94 21.81 15.50
N ALA B 511 13.70 22.40 16.40
CA ALA B 511 14.59 21.65 17.27
C ALA B 511 13.86 21.03 18.47
N1 UMP C . 7.42 -16.35 13.34
C2 UMP C . 6.23 -15.67 13.12
N3 UMP C . 5.60 -15.01 14.16
C4 UMP C . 6.12 -15.07 15.43
C5 UMP C . 7.29 -15.78 15.67
C6 UMP C . 7.94 -16.44 14.62
O2 UMP C . 5.74 -15.63 12.00
O4 UMP C . 5.55 -14.48 16.34
C1' UMP C . 8.03 -17.14 12.26
C2' UMP C . 8.90 -16.49 11.20
C3' UMP C . 9.73 -17.70 10.75
C4' UMP C . 9.94 -18.46 12.05
O3' UMP C . 8.96 -18.50 9.83
O4' UMP C . 8.81 -18.15 12.87
C5' UMP C . 11.18 -17.99 12.79
O5' UMP C . 12.35 -18.38 12.10
P UMP C . 13.57 -17.33 11.88
OP1 UMP C . 14.08 -16.78 13.16
OP2 UMP C . 13.04 -16.16 11.05
OP3 UMP C . 14.65 -18.07 11.13
C1 LYA D . 3.24 -19.70 17.06
C2 LYA D . 3.73 -21.00 17.01
C3 LYA D . 2.97 -22.03 16.47
C4 LYA D . 1.70 -21.76 15.96
C5 LYA D . 1.19 -20.46 15.99
C6 LYA D . 1.97 -19.41 16.54
C7 LYA D . 4.14 -18.63 17.69
C8 LYA D . 5.17 -18.05 16.77
C9 LYA D . 6.27 -19.01 16.40
C10 LYA D . 7.25 -19.56 17.25
N11 LYA D . 8.06 -20.39 16.50
C12 LYA D . 7.57 -20.39 15.23
C13 LYA D . 6.49 -19.56 15.12
C14 LYA D . 5.85 -19.46 13.78
O15 LYA D . 4.86 -18.70 13.57
N16 LYA D . 6.37 -20.18 12.74
C17 LYA D . 7.46 -20.97 12.92
N18 LYA D . 8.06 -21.09 14.15
N19 LYA D . 7.93 -21.65 11.86
C20 LYA D . 0.92 -22.94 15.46
O21 LYA D . 1.49 -24.02 15.41
N22 LYA D . -0.38 -22.80 15.24
C23 LYA D . -1.24 -23.88 14.78
C24 LYA D . -1.88 -24.65 15.98
C25 LYA D . -2.48 -23.70 16.99
C26 LYA D . -3.11 -24.41 18.17
O27 LYA D . -2.80 -24.02 19.33
O28 LYA D . -3.95 -25.31 17.98
C29 LYA D . -2.34 -23.31 13.93
O30 LYA D . -2.61 -22.08 13.95
O31 LYA D . -2.97 -24.12 13.22
C1 LYA E . -37.72 -2.79 6.04
C2 LYA E . -37.80 -1.96 4.91
C3 LYA E . -37.47 -0.61 5.01
C4 LYA E . -37.03 -0.07 6.23
C5 LYA E . -36.97 -0.89 7.37
C6 LYA E . -37.33 -2.25 7.27
C7 LYA E . -38.10 -4.26 5.91
C8 LYA E . -36.93 -5.18 6.23
C9 LYA E . -35.91 -5.25 5.12
C10 LYA E . -36.13 -5.59 3.77
N11 LYA E . -34.97 -5.56 3.07
C12 LYA E . -34.02 -5.18 3.97
C13 LYA E . -34.54 -4.99 5.23
C14 LYA E . -33.59 -4.58 6.30
O15 LYA E . -33.94 -4.38 7.48
N16 LYA E . -32.30 -4.42 5.95
C17 LYA E . -31.85 -4.63 4.68
N18 LYA E . -32.70 -5.00 3.70
N19 LYA E . -30.53 -4.48 4.36
C20 LYA E . -36.71 1.40 6.32
O21 LYA E . -37.09 2.01 7.31
N22 LYA E . -36.05 2.01 5.32
C23 LYA E . -35.76 3.44 5.34
C24 LYA E . -34.46 3.67 6.11
C25 LYA E . -34.42 5.13 6.57
C26 LYA E . -33.04 5.66 6.87
O27 LYA E . -32.74 6.82 6.47
O28 LYA E . -32.22 4.97 7.49
C29 LYA E . -35.60 3.91 3.93
O30 LYA E . -35.26 3.05 3.08
O31 LYA E . -35.73 5.13 3.66
PA NAP F . -44.44 -11.28 3.38
O1A NAP F . -43.91 -9.87 3.55
O2A NAP F . -43.93 -12.22 2.28
O5B NAP F . -46.04 -11.09 3.20
C5B NAP F . -46.98 -12.15 3.38
C4B NAP F . -48.18 -11.86 2.51
O4B NAP F . -47.71 -11.27 1.31
C3B NAP F . -48.99 -13.10 2.07
O3B NAP F . -49.95 -13.53 3.03
C2B NAP F . -49.61 -12.64 0.76
O2B NAP F . -50.79 -11.82 0.77
C1B NAP F . -48.55 -11.66 0.22
N9A NAP F . -47.75 -12.15 -0.96
C8A NAP F . -46.43 -12.40 -1.07
N7A NAP F . -46.17 -12.82 -2.34
C5A NAP F . -47.35 -12.81 -3.04
C6A NAP F . -47.74 -13.09 -4.36
N6A NAP F . -46.90 -13.52 -5.34
N1A NAP F . -49.05 -12.96 -4.68
C2A NAP F . -49.96 -12.54 -3.78
N3A NAP F . -49.62 -12.25 -2.53
C4A NAP F . -48.33 -12.37 -2.15
O3 NAP F . -44.47 -12.12 4.79
PN NAP F . -43.30 -12.80 5.70
O1N NAP F . -42.55 -13.83 4.86
O2N NAP F . -43.97 -13.23 7.00
O5D NAP F . -42.30 -11.55 5.98
C5D NAP F . -42.54 -10.58 6.99
C4D NAP F . -41.51 -10.81 8.08
O4D NAP F . -40.19 -10.87 7.49
C3D NAP F . -41.49 -9.67 9.06
O3D NAP F . -41.17 -10.28 10.32
C2D NAP F . -40.38 -8.75 8.56
O2D NAP F . -39.84 -7.97 9.62
C1D NAP F . -39.40 -9.77 7.98
N1N NAP F . -38.51 -9.29 6.91
C2N NAP F . -37.17 -9.17 7.15
C3N NAP F . -36.30 -8.73 6.13
C7N NAP F . -34.81 -8.55 6.35
O7N NAP F . -34.10 -8.34 5.38
N7N NAP F . -34.29 -8.59 7.58
C4N NAP F . -36.84 -8.44 4.88
C5N NAP F . -38.21 -8.58 4.67
C6N NAP F . -39.03 -9.02 5.70
P2B NAP F . -52.17 -11.71 1.63
O1X NAP F . -53.17 -12.12 0.57
O2X NAP F . -52.13 -12.64 2.83
O3X NAP F . -52.27 -10.26 1.99
C1 EDO G . 11.03 3.11 26.43
O1 EDO G . 10.53 2.30 27.49
C2 EDO G . 11.56 2.18 25.35
O2 EDO G . 11.15 2.65 24.05
C1 EDO H . 22.29 -7.74 15.59
O1 EDO H . 21.05 -7.53 14.90
C2 EDO H . 23.49 -7.60 14.66
O2 EDO H . 24.70 -7.57 15.44
C1 EDO I . 15.01 14.31 24.94
O1 EDO I . 14.89 13.01 24.34
C2 EDO I . 15.53 15.28 23.89
O2 EDO I . 15.06 14.87 22.62
N1 UMP J . 13.42 13.32 12.13
C2 UMP J . 13.37 12.81 10.82
N3 UMP J . 14.42 12.05 10.34
C4 UMP J . 15.54 11.85 11.09
C5 UMP J . 15.62 12.38 12.38
C6 UMP J . 14.55 13.12 12.89
O2 UMP J . 12.37 13.01 10.12
O4 UMP J . 16.48 11.19 10.65
C1' UMP J . 12.33 14.18 12.65
C2' UMP J . 11.04 13.54 13.15
C3' UMP J . 10.55 14.70 14.04
C4' UMP J . 11.84 15.20 14.68
O3' UMP J . 10.00 15.77 13.27
O4' UMP J . 12.82 15.01 13.69
C5' UMP J . 12.24 14.44 15.94
O5' UMP J . 11.43 14.80 17.02
P UMP J . 10.86 13.61 17.97
OP1 UMP J . 10.01 14.28 19.03
OP2 UMP J . 11.99 12.82 18.58
OP3 UMP J . 9.97 12.74 17.19
C1 LYA K . 18.12 16.59 9.19
C2 LYA K . 17.96 16.58 7.80
C3 LYA K . 17.75 17.78 7.08
C4 LYA K . 17.70 18.99 7.80
C5 LYA K . 17.82 19.00 9.20
C6 LYA K . 18.05 17.80 9.89
C7 LYA K . 18.38 15.27 9.92
C8 LYA K . 17.18 14.72 10.68
C9 LYA K . 16.77 15.59 11.86
C10 LYA K . 17.51 15.82 13.03
N11 LYA K . 16.79 16.66 13.84
C12 LYA K . 15.63 16.95 13.21
C13 LYA K . 15.58 16.31 11.98
C14 LYA K . 14.35 16.54 11.16
O15 LYA K . 14.23 15.97 10.04
N16 LYA K . 13.39 17.38 11.65
C17 LYA K . 13.51 17.95 12.88
N18 LYA K . 14.62 17.76 13.65
N19 LYA K . 12.51 18.74 13.33
C20 LYA K . 17.52 20.28 7.07
O21 LYA K . 17.49 21.32 7.71
N22 LYA K . 17.56 20.28 5.75
C23 LYA K . 17.38 21.52 4.99
C24 LYA K . 18.73 22.19 4.71
C25 LYA K . 19.72 21.23 4.08
C26 LYA K . 21.08 21.84 3.82
O27 LYA K . 21.16 23.05 3.46
O28 LYA K . 22.09 21.09 3.98
C29 LYA K . 16.66 21.26 3.69
O30 LYA K . 16.64 20.08 3.24
O31 LYA K . 16.15 22.22 3.11
C1 LYA L . 13.75 6.16 -34.92
C2 LYA L . 14.83 5.41 -34.45
C3 LYA L . 14.72 4.02 -34.28
C4 LYA L . 13.53 3.36 -34.62
C5 LYA L . 12.47 4.12 -35.14
C6 LYA L . 12.56 5.51 -35.28
C7 LYA L . 13.87 7.66 -35.11
C8 LYA L . 14.01 8.44 -33.81
C9 LYA L . 12.71 8.57 -33.03
C10 LYA L . 11.51 9.15 -33.49
N11 LYA L . 10.58 9.11 -32.52
C12 LYA L . 11.17 8.54 -31.45
C13 LYA L . 12.47 8.18 -31.72
C14 LYA L . 13.25 7.53 -30.63
O15 LYA L . 14.44 7.18 -30.79
N16 LYA L . 12.61 7.30 -29.46
C17 LYA L . 11.30 7.66 -29.27
N18 LYA L . 10.60 8.27 -30.25
N19 LYA L . 10.68 7.43 -28.08
C20 LYA L . 13.40 1.88 -34.48
O21 LYA L . 14.39 1.17 -34.66
N22 LYA L . 12.22 1.33 -34.15
C23 LYA L . 11.96 -0.11 -34.04
C24 LYA L . 12.28 -0.52 -32.60
C25 LYA L . 13.17 -1.77 -32.45
C26 LYA L . 12.65 -2.75 -31.40
O27 LYA L . 12.60 -2.42 -30.19
O28 LYA L . 12.30 -3.90 -31.76
C29 LYA L . 10.48 -0.31 -34.31
O30 LYA L . 9.70 0.65 -34.12
O31 LYA L . 10.01 -1.42 -34.63
PA NAP M . 13.71 15.71 -40.92
O1A NAP M . 12.67 16.72 -40.41
O2A NAP M . 13.60 14.23 -40.62
O5B NAP M . 13.81 15.83 -42.54
C5B NAP M . 14.06 17.09 -43.18
C4B NAP M . 13.55 17.01 -44.60
O4B NAP M . 12.32 16.28 -44.67
C3B NAP M . 13.26 18.36 -45.25
O3B NAP M . 14.44 18.97 -45.78
C2B NAP M . 12.33 17.90 -46.34
O2B NAP M . 13.13 17.08 -47.20
C1B NAP M . 11.44 16.91 -45.60
N9A NAP M . 10.22 17.53 -44.95
C8A NAP M . 9.92 17.69 -43.64
N7A NAP M . 8.70 18.27 -43.51
C5A NAP M . 8.22 18.47 -44.78
C6A NAP M . 7.04 19.01 -45.35
N6A NAP M . 6.01 19.51 -44.61
N1A NAP M . 6.92 19.04 -46.70
C2A NAP M . 7.87 18.55 -47.50
N3A NAP M . 9.00 18.04 -47.01
C4A NAP M . 9.19 17.99 -45.66
O3 NAP M . 15.21 16.31 -40.64
PN NAP M . 15.90 16.79 -39.25
O1N NAP M . 15.04 17.91 -38.68
O2N NAP M . 17.40 17.02 -39.49
O5D NAP M . 15.72 15.46 -38.34
C5D NAP M . 16.55 14.32 -38.49
C4D NAP M . 17.45 14.26 -37.28
O4D NAP M . 16.70 14.27 -36.05
C3D NAP M . 18.25 12.98 -37.28
O3D NAP M . 19.50 13.35 -36.70
C2D NAP M . 17.46 12.04 -36.36
O2D NAP M . 18.29 11.07 -35.74
C1D NAP M . 16.86 13.02 -35.35
N1N NAP M . 15.57 12.61 -34.79
C2N NAP M . 15.50 12.33 -33.47
C3N NAP M . 14.30 11.97 -32.87
C7N NAP M . 14.25 11.64 -31.38
O7N NAP M . 13.20 11.38 -30.85
N7N NAP M . 15.36 11.66 -30.66
C4N NAP M . 13.15 11.91 -33.66
C5N NAP M . 13.26 12.20 -35.03
C6N NAP M . 14.48 12.56 -35.57
P2B NAP M . 13.47 17.32 -48.75
O1X NAP M . 13.20 16.01 -49.43
O2X NAP M . 12.59 18.49 -49.18
O3X NAP M . 14.94 17.64 -48.69
C1 EDO N . 18.27 -19.99 17.41
O1 EDO N . 17.23 -19.81 16.43
C2 EDO N . 19.48 -19.16 17.02
O2 EDO N . 19.09 -17.80 16.82
C1 EDO O . 20.82 -3.43 26.35
O1 EDO O . 20.95 -3.32 27.78
C2 EDO O . 21.96 -2.69 25.64
O2 EDO O . 23.25 -3.26 26.01
#